data_4G13
# 
_entry.id   4G13 
# 
_audit_conform.dict_name       mmcif_pdbx.dic 
_audit_conform.dict_version    5.403 
_audit_conform.dict_location   http://mmcif.pdb.org/dictionaries/ascii/mmcif_pdbx.dic 
# 
loop_
_database_2.database_id 
_database_2.database_code 
_database_2.pdbx_database_accession 
_database_2.pdbx_DOI 
PDB   4G13         pdb_00004g13 10.2210/pdb4g13/pdb 
RCSB  RCSB073604   ?            ?                   
WWPDB D_1000073604 ?            ?                   
# 
loop_
_pdbx_audit_revision_history.ordinal 
_pdbx_audit_revision_history.data_content_type 
_pdbx_audit_revision_history.major_revision 
_pdbx_audit_revision_history.minor_revision 
_pdbx_audit_revision_history.revision_date 
_pdbx_audit_revision_history.part_number 
1 'Structure model' 1 0 2012-10-03 ? 
2 'Structure model' 1 1 2012-10-31 ? 
3 'Structure model' 1 2 2012-12-26 ? 
4 'Structure model' 1 3 2018-07-18 ? 
5 'Structure model' 1 4 2025-03-26 ? 
# 
_pdbx_audit_revision_details.ordinal             1 
_pdbx_audit_revision_details.revision_ordinal    1 
_pdbx_audit_revision_details.data_content_type   'Structure model' 
_pdbx_audit_revision_details.provider            repository 
_pdbx_audit_revision_details.type                'Initial release' 
_pdbx_audit_revision_details.description         ? 
_pdbx_audit_revision_details.details             ? 
# 
loop_
_pdbx_audit_revision_group.ordinal 
_pdbx_audit_revision_group.revision_ordinal 
_pdbx_audit_revision_group.data_content_type 
_pdbx_audit_revision_group.group 
1 2 'Structure model' 'Database references'  
2 3 'Structure model' 'Database references'  
3 3 'Structure model' 'Structure summary'    
4 4 'Structure model' 'Data collection'      
5 4 'Structure model' 'Database references'  
6 5 'Structure model' 'Data collection'      
7 5 'Structure model' 'Database references'  
8 5 'Structure model' 'Derived calculations' 
9 5 'Structure model' 'Structure summary'    
# 
loop_
_pdbx_audit_revision_category.ordinal 
_pdbx_audit_revision_category.revision_ordinal 
_pdbx_audit_revision_category.data_content_type 
_pdbx_audit_revision_category.category 
1 4 'Structure model' pdbx_database_related     
2 5 'Structure model' chem_comp                 
3 5 'Structure model' chem_comp_atom            
4 5 'Structure model' chem_comp_bond            
5 5 'Structure model' database_2                
6 5 'Structure model' pdbx_entry_details        
7 5 'Structure model' pdbx_modification_feature 
8 5 'Structure model' struct_conn               
# 
loop_
_pdbx_audit_revision_item.ordinal 
_pdbx_audit_revision_item.revision_ordinal 
_pdbx_audit_revision_item.data_content_type 
_pdbx_audit_revision_item.item 
1 5 'Structure model' '_chem_comp.pdbx_synonyms'                     
2 5 'Structure model' '_database_2.pdbx_DOI'                         
3 5 'Structure model' '_database_2.pdbx_database_accession'          
4 5 'Structure model' '_pdbx_entry_details.has_protein_modification' 
5 5 'Structure model' '_struct_conn.pdbx_leaving_atom_flag'          
# 
_pdbx_database_status.status_code                     REL 
_pdbx_database_status.entry_id                        4G13 
_pdbx_database_status.recvd_initial_deposition_date   2012-07-10 
_pdbx_database_status.deposit_site                    RCSB 
_pdbx_database_status.process_site                    RCSB 
_pdbx_database_status.status_code_sf                  REL 
_pdbx_database_status.status_code_mr                  ? 
_pdbx_database_status.SG_entry                        ? 
_pdbx_database_status.status_code_cs                  ? 
_pdbx_database_status.methods_development_category    ? 
_pdbx_database_status.pdb_format_compatible           Y 
_pdbx_database_status.status_code_nmr_data            ? 
# 
loop_
_pdbx_database_related.db_name 
_pdbx_database_related.db_id 
_pdbx_database_related.details 
_pdbx_database_related.content_type 
PDB 1JOH 'Antiamoebin in Methanol/water' unspecified 
PDB 1OB4 'Cephaibol A'                   unspecified 
PDB 1OB6 'Cephaibol B'                   unspecified 
PDB 1OB7 'Cephaibol C'                   unspecified 
PDB 4G14 'Samarosporin I'                unspecified 
# 
loop_
_audit_author.name 
_audit_author.pdbx_ordinal 
'Gessmann, R.' 1 
'Axford, D.'   2 
'Petratos, K.' 3 
# 
_citation.id                        primary 
_citation.title                     'The crystal structure of samarosporin I at atomic resolution.' 
_citation.journal_abbrev            J.Pept.Sci. 
_citation.journal_volume            18 
_citation.page_first                678 
_citation.page_last                 684 
_citation.year                      2012 
_citation.journal_id_ASTM           JPSIEI 
_citation.country                   UK 
_citation.journal_id_ISSN           1075-2617 
_citation.journal_id_CSD            1225 
_citation.book_publisher            ? 
_citation.pdbx_database_id_PubMed   23019149 
_citation.pdbx_database_id_DOI      10.1002/psc.2454 
# 
loop_
_citation_author.citation_id 
_citation_author.name 
_citation_author.ordinal 
_citation_author.identifier_ORCID 
primary 'Gessmann, R.' 1 ? 
primary 'Axford, D.'   2 ? 
primary 'Evans, G.'    3 ? 
primary 'Bruckner, H.' 4 ? 
primary 'Petratos, K.' 5 ? 
# 
loop_
_entity.id 
_entity.type 
_entity.src_method 
_entity.pdbx_description 
_entity.formula_weight 
_entity.pdbx_number_of_molecules 
_entity.pdbx_ec 
_entity.pdbx_mutation 
_entity.pdbx_fragment 
_entity.details 
1 polymer nat 'SAMAROSPORIN I' 1557.876 1 ? ? ? ? 
2 water   nat water            18.015   2 ? ? ? ? 
# 
_entity_name_com.entity_id   1 
_entity_name_com.name        'EMERIMICIN IV, STILBELLIN I' 
# 
_entity_poly.entity_id                      1 
_entity_poly.type                           'polypeptide(L)' 
_entity_poly.nstd_linkage                   no 
_entity_poly.nstd_monomer                   yes 
_entity_poly.pdbx_seq_one_letter_code       '(ACE)F(AIB)(AIB)(AIB)VGL(AIB)(AIB)(HYP)Q(DIV)(HYP)(AIB)(PHL)' 
_entity_poly.pdbx_seq_one_letter_code_can   XFAAAVGLAAPQVPAF 
_entity_poly.pdbx_strand_id                 A 
_entity_poly.pdbx_target_identifier         ? 
# 
_pdbx_entity_nonpoly.entity_id   2 
_pdbx_entity_nonpoly.name        water 
_pdbx_entity_nonpoly.comp_id     HOH 
# 
loop_
_entity_poly_seq.entity_id 
_entity_poly_seq.num 
_entity_poly_seq.mon_id 
_entity_poly_seq.hetero 
1 1  ACE n 
1 2  PHE n 
1 3  AIB n 
1 4  AIB n 
1 5  AIB n 
1 6  VAL n 
1 7  GLY n 
1 8  LEU n 
1 9  AIB n 
1 10 AIB n 
1 11 HYP n 
1 12 GLN n 
1 13 DIV n 
1 14 HYP n 
1 15 AIB n 
1 16 PHL n 
# 
_entity_src_nat.entity_id                  1 
_entity_src_nat.pdbx_src_id                1 
_entity_src_nat.pdbx_alt_source_flag       sample 
_entity_src_nat.pdbx_beg_seq_num           ? 
_entity_src_nat.pdbx_end_seq_num           ? 
_entity_src_nat.common_name                ? 
_entity_src_nat.pdbx_organism_scientific   'samarospora rostrup' 
_entity_src_nat.pdbx_ncbi_taxonomy_id      ? 
_entity_src_nat.genus                      ? 
_entity_src_nat.species                    ? 
_entity_src_nat.strain                     F-7762 
_entity_src_nat.tissue                     ? 
_entity_src_nat.tissue_fraction            ? 
_entity_src_nat.pdbx_secretion             ? 
_entity_src_nat.pdbx_fragment              ? 
_entity_src_nat.pdbx_variant               ? 
_entity_src_nat.pdbx_cell_line             ? 
_entity_src_nat.pdbx_atcc                  ? 
_entity_src_nat.pdbx_cellular_location     ? 
_entity_src_nat.pdbx_organ                 ? 
_entity_src_nat.pdbx_organelle             ? 
_entity_src_nat.pdbx_cell                  ? 
_entity_src_nat.pdbx_plasmid_name          ? 
_entity_src_nat.pdbx_plasmid_details       ? 
_entity_src_nat.details                    ? 
# 
loop_
_chem_comp.id 
_chem_comp.type 
_chem_comp.mon_nstd_flag 
_chem_comp.name 
_chem_comp.pdbx_synonyms 
_chem_comp.formula 
_chem_comp.formula_weight 
ACE non-polymer         . 'ACETYL GROUP'               ?                              'C2 H4 O'      44.053  
AIB 'L-peptide linking' n 'ALPHA-AMINOISOBUTYRIC ACID' ?                              'C4 H9 N O2'   103.120 
DIV 'D-peptide linking' . D-ISOVALINE                  ?                              'C5 H11 N O2'  117.146 
GLN 'L-peptide linking' y GLUTAMINE                    ?                              'C5 H10 N2 O3' 146.144 
GLY 'peptide linking'   y GLYCINE                      ?                              'C2 H5 N O2'   75.067  
HOH non-polymer         . WATER                        ?                              'H2 O'         18.015  
HYP 'L-peptide linking' n 4-HYDROXYPROLINE             HYDROXYPROLINE                 'C5 H9 N O3'   131.130 
LEU 'L-peptide linking' y LEUCINE                      ?                              'C6 H13 N O2'  131.173 
PHE 'L-peptide linking' y PHENYLALANINE                ?                              'C9 H11 N O2'  165.189 
PHL 'L-peptide linking' n L-PHENYLALANINOL             'bound form of Phenylalaninal' 'C9 H13 N O'   151.206 
VAL 'L-peptide linking' y VALINE                       ?                              'C5 H11 N O2'  117.146 
# 
loop_
_pdbx_poly_seq_scheme.asym_id 
_pdbx_poly_seq_scheme.entity_id 
_pdbx_poly_seq_scheme.seq_id 
_pdbx_poly_seq_scheme.mon_id 
_pdbx_poly_seq_scheme.ndb_seq_num 
_pdbx_poly_seq_scheme.pdb_seq_num 
_pdbx_poly_seq_scheme.auth_seq_num 
_pdbx_poly_seq_scheme.pdb_mon_id 
_pdbx_poly_seq_scheme.auth_mon_id 
_pdbx_poly_seq_scheme.pdb_strand_id 
_pdbx_poly_seq_scheme.pdb_ins_code 
_pdbx_poly_seq_scheme.hetero 
A 1 1  ACE 1  0  0  ACE ACE A . n 
A 1 2  PHE 2  1  1  PHE PHE A . n 
A 1 3  AIB 3  2  2  AIB AIB A . n 
A 1 4  AIB 4  3  3  AIB AIB A . n 
A 1 5  AIB 5  4  4  AIB AIB A . n 
A 1 6  VAL 6  5  5  VAL VAL A . n 
A 1 7  GLY 7  6  6  GLY GLY A . n 
A 1 8  LEU 8  7  7  LEU LEU A . n 
A 1 9  AIB 9  8  8  AIB AIB A . n 
A 1 10 AIB 10 9  9  AIB AIB A . n 
A 1 11 HYP 11 10 10 HYP HYP A . n 
A 1 12 GLN 12 11 11 GLN GLN A . n 
A 1 13 DIV 13 12 12 DIV DIV A . n 
A 1 14 HYP 14 13 13 HYP HYP A . n 
A 1 15 AIB 15 14 14 AIB AIB A . n 
A 1 16 PHL 16 15 15 PHL PHL A . n 
# 
loop_
_pdbx_nonpoly_scheme.asym_id 
_pdbx_nonpoly_scheme.entity_id 
_pdbx_nonpoly_scheme.mon_id 
_pdbx_nonpoly_scheme.ndb_seq_num 
_pdbx_nonpoly_scheme.pdb_seq_num 
_pdbx_nonpoly_scheme.auth_seq_num 
_pdbx_nonpoly_scheme.pdb_mon_id 
_pdbx_nonpoly_scheme.auth_mon_id 
_pdbx_nonpoly_scheme.pdb_strand_id 
_pdbx_nonpoly_scheme.pdb_ins_code 
B 2 HOH 1 101 20 HOH HOH A . 
B 2 HOH 2 102 21 HOH HOH A . 
# 
loop_
_software.name 
_software.classification 
_software.version 
_software.citation_id 
_software.pdbx_ordinal 
ACORN     phasing          . ? 1 
SHELXL-97 refinement       . ? 2 
XDS       'data reduction' . ? 3 
SCALA     'data scaling'   . ? 4 
# 
_cell.entry_id           4G13 
_cell.length_a           45.109 
_cell.length_b           9.075 
_cell.length_c           25.067 
_cell.angle_alpha        90.00 
_cell.angle_beta         115.60 
_cell.angle_gamma        90.00 
_cell.Z_PDB              4 
_cell.pdbx_unique_axis   ? 
_cell.length_a_esd       ? 
_cell.length_b_esd       ? 
_cell.length_c_esd       ? 
_cell.angle_alpha_esd    ? 
_cell.angle_beta_esd     ? 
_cell.angle_gamma_esd    ? 
# 
_symmetry.entry_id                         4G13 
_symmetry.space_group_name_H-M             'C 1 2 1' 
_symmetry.pdbx_full_space_group_name_H-M   ? 
_symmetry.cell_setting                     ? 
_symmetry.Int_Tables_number                5 
_symmetry.space_group_name_Hall            ? 
# 
_exptl.entry_id          4G13 
_exptl.method            'X-RAY DIFFRACTION' 
_exptl.crystals_number   2 
# 
_exptl_crystal.id                    1 
_exptl_crystal.density_meas          ? 
_exptl_crystal.density_Matthews      1.47 
_exptl_crystal.density_percent_sol   15.6 
_exptl_crystal.description           ? 
_exptl_crystal.F_000                 ? 
_exptl_crystal.preparation           ? 
# 
_exptl_crystal_grow.crystal_id      1 
_exptl_crystal_grow.method          EVAPORATION 
_exptl_crystal_grow.temp            293 
_exptl_crystal_grow.temp_details    ? 
_exptl_crystal_grow.pH              ? 
_exptl_crystal_grow.pdbx_pH_range   ? 
_exptl_crystal_grow.pdbx_details    'methanol/water, EVAPORATION, temperature 293K' 
# 
_diffrn.id                     1 
_diffrn.ambient_temp           100 
_diffrn.ambient_temp_details   ? 
_diffrn.crystal_id             1 
# 
_diffrn_detector.diffrn_id              1 
_diffrn_detector.detector               PIXEL 
_diffrn_detector.type                   'DECTRIS PILATUS 6M' 
_diffrn_detector.pdbx_collection_date   2012-02-24 
_diffrn_detector.details                ? 
# 
_diffrn_radiation.diffrn_id                        1 
_diffrn_radiation.wavelength_id                    1 
_diffrn_radiation.pdbx_monochromatic_or_laue_m_l   M 
_diffrn_radiation.monochromator                    'ACCEL FIXED EXIT DOUBLE CRYSTAL' 
_diffrn_radiation.pdbx_diffrn_protocol             'SINGLE WAVELENGTH' 
_diffrn_radiation.pdbx_scattering_type             x-ray 
# 
_diffrn_radiation_wavelength.id           1 
_diffrn_radiation_wavelength.wavelength   0.7293 
_diffrn_radiation_wavelength.wt           1.0 
# 
_diffrn_source.diffrn_id                   1 
_diffrn_source.source                      SYNCHROTRON 
_diffrn_source.type                        'DIAMOND BEAMLINE I24' 
_diffrn_source.pdbx_synchrotron_site       Diamond 
_diffrn_source.pdbx_synchrotron_beamline   I24 
_diffrn_source.pdbx_wavelength             ? 
_diffrn_source.pdbx_wavelength_list        0.7293 
# 
_reflns.pdbx_diffrn_id               1 
_reflns.pdbx_ordinal                 1 
_reflns.entry_id                     4G13 
_reflns.observed_criterion_sigma_I   0.0 
_reflns.observed_criterion_sigma_F   0.0 
_reflns.d_resolution_low             22.61 
_reflns.d_resolution_high            0.8 
_reflns.number_obs                   9272 
_reflns.number_all                   9272 
_reflns.percent_possible_obs         91.8 
_reflns.pdbx_Rmerge_I_obs            ? 
_reflns.pdbx_Rsym_value              ? 
_reflns.pdbx_netI_over_sigmaI        14.1 
_reflns.B_iso_Wilson_estimate        ? 
_reflns.pdbx_redundancy              6.5 
_reflns.R_free_details               ? 
_reflns.limit_h_max                  ? 
_reflns.limit_h_min                  ? 
_reflns.limit_k_max                  ? 
_reflns.limit_k_min                  ? 
_reflns.limit_l_max                  ? 
_reflns.limit_l_min                  ? 
_reflns.observed_criterion_F_max     ? 
_reflns.observed_criterion_F_min     ? 
_reflns.pdbx_chi_squared             ? 
_reflns.pdbx_scaling_rejects         ? 
# 
_reflns_shell.pdbx_diffrn_id         1 
_reflns_shell.pdbx_ordinal           1 
_reflns_shell.d_res_high             0.8 
_reflns_shell.d_res_low              0.84 
_reflns_shell.percent_possible_all   50.9 
_reflns_shell.Rmerge_I_obs           ? 
_reflns_shell.pdbx_Rsym_value        ? 
_reflns_shell.meanI_over_sigI_obs    1.8 
_reflns_shell.pdbx_redundancy        2.2 
_reflns_shell.percent_possible_obs   ? 
_reflns_shell.number_unique_all      ? 
_reflns_shell.number_measured_all    ? 
_reflns_shell.number_measured_obs    ? 
_reflns_shell.number_unique_obs      ? 
_reflns_shell.pdbx_chi_squared       ? 
# 
_refine.pdbx_refine_id                           'X-RAY DIFFRACTION' 
_refine.entry_id                                 4G13 
_refine.pdbx_diffrn_id                           1 
_refine.pdbx_TLS_residual_ADP_flag               ? 
_refine.ls_number_reflns_obs                     9272 
_refine.ls_number_reflns_all                     9272 
_refine.pdbx_ls_sigma_I                          ? 
_refine.pdbx_ls_sigma_F                          0.000 
_refine.pdbx_data_cutoff_high_absF               ? 
_refine.pdbx_data_cutoff_low_absF                ? 
_refine.pdbx_data_cutoff_high_rms_absF           ? 
_refine.ls_d_res_low                             22.61 
_refine.ls_d_res_high                            0.80 
_refine.ls_percent_reflns_obs                    91.8 
_refine.ls_R_factor_obs                          0.078 
_refine.ls_R_factor_R_work                       0.078 
_refine.ls_R_factor_R_free                       0.081 
_refine.ls_R_factor_all                          0.078 
_refine.ls_R_factor_R_free_error                 ? 
_refine.ls_R_factor_R_free_error_details         ? 
_refine.ls_percent_reflns_R_free                 5 
_refine.ls_number_reflns_R_free                  466 
_refine.ls_number_parameters                     1061 
_refine.ls_number_restraints                     99 
_refine.occupancy_min                            ? 
_refine.occupancy_max                            ? 
_refine.correlation_coeff_Fo_to_Fc               ? 
_refine.correlation_coeff_Fo_to_Fc_free          ? 
_refine.B_iso_mean                               5.44 
_refine.aniso_B[1][1]                            ? 
_refine.aniso_B[2][2]                            ? 
_refine.aniso_B[3][3]                            ? 
_refine.aniso_B[1][2]                            ? 
_refine.aniso_B[1][3]                            ? 
_refine.aniso_B[2][3]                            ? 
_refine.solvent_model_details                    BABINET 
_refine.solvent_model_param_ksol                 ? 
_refine.solvent_model_param_bsol                 ? 
_refine.pdbx_solvent_vdw_probe_radii             ? 
_refine.pdbx_solvent_ion_probe_radii             ? 
_refine.pdbx_solvent_shrinkage_radii             ? 
_refine.pdbx_ls_cross_valid_method               ? 
_refine.details                                  ? 
_refine.pdbx_starting_model                      ? 
_refine.pdbx_method_to_determine_struct          'AB INITIO PHASING' 
_refine.pdbx_isotropic_thermal_model             ? 
_refine.pdbx_stereochemistry_target_values       'Engh & Huber' 
_refine.pdbx_stereochem_target_val_spec_case     ? 
_refine.pdbx_R_Free_selection_details            RANDOM 
_refine.pdbx_overall_ESU_R                       ? 
_refine.pdbx_overall_ESU_R_Free                  ? 
_refine.overall_SU_ML                            ? 
_refine.pdbx_overall_phase_error                 ? 
_refine.overall_SU_B                             ? 
_refine.overall_SU_R_Cruickshank_DPI             ? 
_refine.pdbx_overall_SU_R_free_Cruickshank_DPI   ? 
_refine.pdbx_overall_SU_R_Blow_DPI               ? 
_refine.pdbx_overall_SU_R_free_Blow_DPI          ? 
_refine.ls_redundancy_reflns_obs                 ? 
_refine.B_iso_min                                ? 
_refine.B_iso_max                                ? 
_refine.overall_SU_R_free                        ? 
_refine.ls_wR_factor_R_free                      ? 
_refine.ls_wR_factor_R_work                      ? 
_refine.overall_FOM_free_R_set                   ? 
_refine.overall_FOM_work_R_set                   ? 
# 
_refine_analyze.pdbx_refine_id                  'X-RAY DIFFRACTION' 
_refine_analyze.entry_id                        4G13 
_refine_analyze.Luzzati_coordinate_error_obs    ? 
_refine_analyze.Luzzati_sigma_a_obs             ? 
_refine_analyze.Luzzati_d_res_low_obs           ? 
_refine_analyze.Luzzati_coordinate_error_free   ? 
_refine_analyze.Luzzati_sigma_a_free            ? 
_refine_analyze.Luzzati_d_res_low_free          ? 
_refine_analyze.number_disordered_residues      1 
_refine_analyze.occupancy_sum_hydrogen          112 
_refine_analyze.occupancy_sum_non_hydrogen      114 
_refine_analyze.pdbx_Luzzati_d_res_high_obs     ? 
# 
_refine_hist.pdbx_refine_id                   'X-RAY DIFFRACTION' 
_refine_hist.cycle_id                         LAST 
_refine_hist.pdbx_number_atoms_protein        112 
_refine_hist.pdbx_number_atoms_nucleic_acid   0 
_refine_hist.pdbx_number_atoms_ligand         0 
_refine_hist.number_atoms_solvent             2 
_refine_hist.number_atoms_total               114 
_refine_hist.d_res_high                       0.80 
_refine_hist.d_res_low                        22.61 
# 
_pdbx_refine.pdbx_refine_id                              'X-RAY DIFFRACTION' 
_pdbx_refine.entry_id                                    4G13 
_pdbx_refine.R_factor_all_no_cutoff                      ? 
_pdbx_refine.R_factor_obs_no_cutoff                      0.078 
_pdbx_refine.free_R_factor_no_cutoff                     0.081 
_pdbx_refine.free_R_error_no_cutoff                      ? 
_pdbx_refine.free_R_val_test_set_size_perc_no_cutoff     5 
_pdbx_refine.free_R_val_test_set_ct_no_cutoff            466 
_pdbx_refine.R_factor_all_4sig_cutoff                    0.067 
_pdbx_refine.R_factor_obs_4sig_cutoff                    0.067 
_pdbx_refine.free_R_factor_4sig_cutoff                   0.071 
_pdbx_refine.free_R_val_test_set_size_perc_4sig_cutoff   5 
_pdbx_refine.free_R_val_test_set_ct_4sig_cutoff          389 
_pdbx_refine.number_reflns_obs_4sig_cutoff               7856 
# 
_struct.entry_id                  4G13 
_struct.title                     'Crystal structure of samarosporin I at 100K' 
_struct.pdbx_model_details        ? 
_struct.pdbx_CASP_flag            ? 
_struct.pdbx_model_type_details   ? 
# 
_struct_keywords.entry_id        4G13 
_struct_keywords.pdbx_keywords   ANTIBIOTIC 
_struct_keywords.text            'peptaibol, 3(10)-alpha Helix, antibiotic peptide, membrane, extracellular, ANTIBIOTIC' 
# 
loop_
_struct_asym.id 
_struct_asym.pdbx_blank_PDB_chainid_flag 
_struct_asym.pdbx_modified 
_struct_asym.entity_id 
_struct_asym.details 
A N N 1 ? 
B N N 2 ? 
# 
_struct_ref.id                         1 
_struct_ref.db_name                    NOR 
_struct_ref.db_code                    NOR00986 
_struct_ref.pdbx_db_accession          NOR00986 
_struct_ref.entity_id                  1 
_struct_ref.pdbx_seq_one_letter_code   XFAAAVGLAAPQVPAF 
_struct_ref.pdbx_align_begin           ? 
_struct_ref.pdbx_db_isoform            ? 
# 
_struct_ref_seq.align_id                      1 
_struct_ref_seq.ref_id                        1 
_struct_ref_seq.pdbx_PDB_id_code              4G13 
_struct_ref_seq.pdbx_strand_id                A 
_struct_ref_seq.seq_align_beg                 1 
_struct_ref_seq.pdbx_seq_align_beg_ins_code   ? 
_struct_ref_seq.seq_align_end                 16 
_struct_ref_seq.pdbx_seq_align_end_ins_code   ? 
_struct_ref_seq.pdbx_db_accession             NOR00986 
_struct_ref_seq.db_align_beg                  0 
_struct_ref_seq.pdbx_db_align_beg_ins_code    ? 
_struct_ref_seq.db_align_end                  15 
_struct_ref_seq.pdbx_db_align_end_ins_code    ? 
_struct_ref_seq.pdbx_auth_seq_align_beg       0 
_struct_ref_seq.pdbx_auth_seq_align_end       15 
# 
_pdbx_struct_assembly.id                   1 
_pdbx_struct_assembly.details              software_defined_assembly 
_pdbx_struct_assembly.method_details       PISA 
_pdbx_struct_assembly.oligomeric_details   monomeric 
_pdbx_struct_assembly.oligomeric_count     1 
# 
_pdbx_struct_assembly_gen.assembly_id       1 
_pdbx_struct_assembly_gen.oper_expression   1 
_pdbx_struct_assembly_gen.asym_id_list      A,B 
# 
_pdbx_struct_oper_list.id                   1 
_pdbx_struct_oper_list.type                 'identity operation' 
_pdbx_struct_oper_list.name                 1_555 
_pdbx_struct_oper_list.symmetry_operation   x,y,z 
_pdbx_struct_oper_list.matrix[1][1]         1.0000000000 
_pdbx_struct_oper_list.matrix[1][2]         0.0000000000 
_pdbx_struct_oper_list.matrix[1][3]         0.0000000000 
_pdbx_struct_oper_list.vector[1]            0.0000000000 
_pdbx_struct_oper_list.matrix[2][1]         0.0000000000 
_pdbx_struct_oper_list.matrix[2][2]         1.0000000000 
_pdbx_struct_oper_list.matrix[2][3]         0.0000000000 
_pdbx_struct_oper_list.vector[2]            0.0000000000 
_pdbx_struct_oper_list.matrix[3][1]         0.0000000000 
_pdbx_struct_oper_list.matrix[3][2]         0.0000000000 
_pdbx_struct_oper_list.matrix[3][3]         1.0000000000 
_pdbx_struct_oper_list.vector[3]            0.0000000000 
# 
_struct_biol.id        1 
_struct_biol.details   'AUTHORS STATE THAT THE BIOLOGICALLY SIGNIFICANT OLIGOMERIZATION STATE IN THE MEMBRANE IS UNKNOWN' 
# 
loop_
_struct_conf.conf_type_id 
_struct_conf.id 
_struct_conf.pdbx_PDB_helix_id 
_struct_conf.beg_label_comp_id 
_struct_conf.beg_label_asym_id 
_struct_conf.beg_label_seq_id 
_struct_conf.pdbx_beg_PDB_ins_code 
_struct_conf.end_label_comp_id 
_struct_conf.end_label_asym_id 
_struct_conf.end_label_seq_id 
_struct_conf.pdbx_end_PDB_ins_code 
_struct_conf.beg_auth_comp_id 
_struct_conf.beg_auth_asym_id 
_struct_conf.beg_auth_seq_id 
_struct_conf.end_auth_comp_id 
_struct_conf.end_auth_asym_id 
_struct_conf.end_auth_seq_id 
_struct_conf.pdbx_PDB_helix_class 
_struct_conf.details 
_struct_conf.pdbx_PDB_helix_length 
HELX_P HELX_P1 1 PHE A 2  ? HYP A 11 ? PHE A 1  HYP A 10 1 ? 10 
HELX_P HELX_P2 2 GLN A 12 ? PHL A 16 ? GLN A 11 PHL A 15 5 ? 5  
# 
_struct_conf_type.id          HELX_P 
_struct_conf_type.criteria    ? 
_struct_conf_type.reference   ? 
# 
loop_
_struct_conn.id 
_struct_conn.conn_type_id 
_struct_conn.pdbx_leaving_atom_flag 
_struct_conn.pdbx_PDB_id 
_struct_conn.ptnr1_label_asym_id 
_struct_conn.ptnr1_label_comp_id 
_struct_conn.ptnr1_label_seq_id 
_struct_conn.ptnr1_label_atom_id 
_struct_conn.pdbx_ptnr1_label_alt_id 
_struct_conn.pdbx_ptnr1_PDB_ins_code 
_struct_conn.pdbx_ptnr1_standard_comp_id 
_struct_conn.ptnr1_symmetry 
_struct_conn.ptnr2_label_asym_id 
_struct_conn.ptnr2_label_comp_id 
_struct_conn.ptnr2_label_seq_id 
_struct_conn.ptnr2_label_atom_id 
_struct_conn.pdbx_ptnr2_label_alt_id 
_struct_conn.pdbx_ptnr2_PDB_ins_code 
_struct_conn.ptnr1_auth_asym_id 
_struct_conn.ptnr1_auth_comp_id 
_struct_conn.ptnr1_auth_seq_id 
_struct_conn.ptnr2_auth_asym_id 
_struct_conn.ptnr2_auth_comp_id 
_struct_conn.ptnr2_auth_seq_id 
_struct_conn.ptnr2_symmetry 
_struct_conn.pdbx_ptnr3_label_atom_id 
_struct_conn.pdbx_ptnr3_label_seq_id 
_struct_conn.pdbx_ptnr3_label_comp_id 
_struct_conn.pdbx_ptnr3_label_asym_id 
_struct_conn.pdbx_ptnr3_label_alt_id 
_struct_conn.pdbx_ptnr3_PDB_ins_code 
_struct_conn.details 
_struct_conn.pdbx_dist_value 
_struct_conn.pdbx_value_order 
_struct_conn.pdbx_role 
covale1  covale both ? A ACE 1  C ? ? ? 1_555 A PHE 2  N ? ? A ACE 0  A PHE 1  1_555 ? ? ? ? ? ? ? 1.345 ?    ? 
covale2  covale both ? A PHE 2  C ? ? ? 1_555 A AIB 3  N ? ? A PHE 1  A AIB 2  1_555 ? ? ? ? ? ? ? 1.338 ?    ? 
covale3  covale both ? A AIB 3  C ? ? ? 1_555 A AIB 4  N ? ? A AIB 2  A AIB 3  1_555 ? ? ? ? ? ? ? 1.351 ?    ? 
covale4  covale both ? A AIB 4  C ? ? ? 1_555 A AIB 5  N ? ? A AIB 3  A AIB 4  1_555 ? ? ? ? ? ? ? 1.329 sing ? 
covale5  covale both ? A AIB 5  C ? ? ? 1_555 A VAL 6  N ? ? A AIB 4  A VAL 5  1_555 ? ? ? ? ? ? ? 1.347 ?    ? 
covale6  covale both ? A LEU 8  C ? ? ? 1_555 A AIB 9  N ? ? A LEU 7  A AIB 8  1_555 ? ? ? ? ? ? ? 1.332 ?    ? 
covale7  covale both ? A AIB 9  C ? ? ? 1_555 A AIB 10 N ? ? A AIB 8  A AIB 9  1_555 ? ? ? ? ? ? ? 1.343 ?    ? 
covale8  covale both ? A AIB 10 C ? ? ? 1_555 A HYP 11 N ? ? A AIB 9  A HYP 10 1_555 ? ? ? ? ? ? ? 1.349 ?    ? 
covale9  covale both ? A HYP 11 C ? ? ? 1_555 A GLN 12 N ? ? A HYP 10 A GLN 11 1_555 ? ? ? ? ? ? ? 1.338 ?    ? 
covale10 covale both ? A GLN 12 C ? ? ? 1_555 A DIV 13 N ? ? A GLN 11 A DIV 12 1_555 ? ? ? ? ? ? ? 1.327 ?    ? 
covale11 covale both ? A DIV 13 C ? ? ? 1_555 A HYP 14 N ? ? A DIV 12 A HYP 13 1_555 ? ? ? ? ? ? ? 1.337 ?    ? 
covale12 covale both ? A HYP 14 C ? ? ? 1_555 A AIB 15 N ? ? A HYP 13 A AIB 14 1_555 ? ? ? ? ? ? ? 1.345 ?    ? 
covale13 covale both ? A AIB 15 C ? ? ? 1_555 A PHL 16 N ? ? A AIB 14 A PHL 15 1_555 ? ? ? ? ? ? ? 1.349 ?    ? 
# 
_struct_conn_type.id          covale 
_struct_conn_type.criteria    ? 
_struct_conn_type.reference   ? 
# 
loop_
_pdbx_modification_feature.ordinal 
_pdbx_modification_feature.label_comp_id 
_pdbx_modification_feature.label_asym_id 
_pdbx_modification_feature.label_seq_id 
_pdbx_modification_feature.label_alt_id 
_pdbx_modification_feature.modified_residue_label_comp_id 
_pdbx_modification_feature.modified_residue_label_asym_id 
_pdbx_modification_feature.modified_residue_label_seq_id 
_pdbx_modification_feature.modified_residue_label_alt_id 
_pdbx_modification_feature.auth_comp_id 
_pdbx_modification_feature.auth_asym_id 
_pdbx_modification_feature.auth_seq_id 
_pdbx_modification_feature.PDB_ins_code 
_pdbx_modification_feature.symmetry 
_pdbx_modification_feature.modified_residue_auth_comp_id 
_pdbx_modification_feature.modified_residue_auth_asym_id 
_pdbx_modification_feature.modified_residue_auth_seq_id 
_pdbx_modification_feature.modified_residue_PDB_ins_code 
_pdbx_modification_feature.modified_residue_symmetry 
_pdbx_modification_feature.comp_id_linking_atom 
_pdbx_modification_feature.modified_residue_id_linking_atom 
_pdbx_modification_feature.modified_residue_id 
_pdbx_modification_feature.ref_pcm_id 
_pdbx_modification_feature.ref_comp_id 
_pdbx_modification_feature.type 
_pdbx_modification_feature.category 
1  AIB A 3  ? .   . . . AIB A 2  ? 1_555 .   . . . .     . . ALA 1  AIB Methylation   'Named protein modification' 
2  AIB A 4  ? .   . . . AIB A 3  ? 1_555 .   . . . .     . . ALA 1  AIB Methylation   'Named protein modification' 
3  AIB A 5  ? .   . . . AIB A 4  ? 1_555 .   . . . .     . . ALA 1  AIB Methylation   'Named protein modification' 
4  AIB A 9  ? .   . . . AIB A 8  ? 1_555 .   . . . .     . . ALA 1  AIB Methylation   'Named protein modification' 
5  AIB A 10 ? .   . . . AIB A 9  ? 1_555 .   . . . .     . . ALA 1  AIB Methylation   'Named protein modification' 
6  HYP A 11 ? .   . . . HYP A 10 ? 1_555 .   . . . .     . . PRO 1  HYP Hydroxylation 'Named protein modification' 
7  HYP A 14 ? .   . . . HYP A 13 ? 1_555 .   . . . .     . . PRO 1  HYP Hydroxylation 'Named protein modification' 
8  AIB A 15 ? .   . . . AIB A 14 ? 1_555 .   . . . .     . . ALA 1  AIB Methylation   'Named protein modification' 
9  PHL A 16 ? .   . . . PHL A 15 ? 1_555 .   . . . .     . . PHE 1  PHL Deoxidation   'Named protein modification' 
10 DIV A 13 ? .   . . . DIV A 12 ? 1_555 .   . . . .     . . ?   1  DIV None          'Non-standard residue'       
11 ACE A 1  ? PHE A 2 ? ACE A 0  ? 1_555 PHE A 1 ? 1_555 . . PHE 15 ACE None          'Terminal acetylation'       
# 
_pdbx_entry_details.entry_id                   4G13 
_pdbx_entry_details.nonpolymer_details         ? 
_pdbx_entry_details.sequence_details           ? 
_pdbx_entry_details.compound_details           
;SAMAROSPORIN I/EMERIMICIN IV IS LINEAR PEPTIDE, A MEMBER OF THE PEPTAIBOL 
FAMILY OF MEMBRANE CHANNEL FORMING PEPTIDES. 
HERE, SAMAROSPORIN I/EMERIMICIN IV IS REPRESENTED BY THE SEQUENCE (SEQRES) 
THE N-TERM IS ACETYLATED (RESIDUE 0)
;
_pdbx_entry_details.source_details             ? 
_pdbx_entry_details.has_ligand_of_interest     ? 
_pdbx_entry_details.has_protein_modification   Y 
# 
_pdbx_molecule_features.prd_id    PRD_000920 
_pdbx_molecule_features.name      'SAMAROSPORIN I' 
_pdbx_molecule_features.type      Peptaibol 
_pdbx_molecule_features.class     Antibiotic 
_pdbx_molecule_features.details   ? 
# 
_pdbx_molecule.instance_id   1 
_pdbx_molecule.prd_id        PRD_000920 
_pdbx_molecule.asym_id       A 
# 
loop_
_chem_comp_atom.comp_id 
_chem_comp_atom.atom_id 
_chem_comp_atom.type_symbol 
_chem_comp_atom.pdbx_aromatic_flag 
_chem_comp_atom.pdbx_stereo_config 
_chem_comp_atom.pdbx_ordinal 
ACE C    C N N 1   
ACE O    O N N 2   
ACE CH3  C N N 3   
ACE H    H N N 4   
ACE H1   H N N 5   
ACE H2   H N N 6   
ACE H3   H N N 7   
AIB N    N N N 8   
AIB CA   C N N 9   
AIB C    C N N 10  
AIB O    O N N 11  
AIB OXT  O N N 12  
AIB CB1  C N N 13  
AIB CB2  C N N 14  
AIB H    H N N 15  
AIB H2   H N N 16  
AIB HXT  H N N 17  
AIB HB11 H N N 18  
AIB HB12 H N N 19  
AIB HB13 H N N 20  
AIB HB21 H N N 21  
AIB HB22 H N N 22  
AIB HB23 H N N 23  
DIV N    N N N 24  
DIV CA   C N R 25  
DIV CB1  C N N 26  
DIV CG1  C N N 27  
DIV CB2  C N N 28  
DIV C    C N N 29  
DIV O    O N N 30  
DIV OXT  O N N 31  
DIV H    H N N 32  
DIV H2   H N N 33  
DIV HB11 H N N 34  
DIV HB12 H N N 35  
DIV HG11 H N N 36  
DIV HG12 H N N 37  
DIV HG13 H N N 38  
DIV HB21 H N N 39  
DIV HB22 H N N 40  
DIV HB23 H N N 41  
DIV HXT  H N N 42  
GLN N    N N N 43  
GLN CA   C N S 44  
GLN C    C N N 45  
GLN O    O N N 46  
GLN CB   C N N 47  
GLN CG   C N N 48  
GLN CD   C N N 49  
GLN OE1  O N N 50  
GLN NE2  N N N 51  
GLN OXT  O N N 52  
GLN H    H N N 53  
GLN H2   H N N 54  
GLN HA   H N N 55  
GLN HB2  H N N 56  
GLN HB3  H N N 57  
GLN HG2  H N N 58  
GLN HG3  H N N 59  
GLN HE21 H N N 60  
GLN HE22 H N N 61  
GLN HXT  H N N 62  
GLY N    N N N 63  
GLY CA   C N N 64  
GLY C    C N N 65  
GLY O    O N N 66  
GLY OXT  O N N 67  
GLY H    H N N 68  
GLY H2   H N N 69  
GLY HA2  H N N 70  
GLY HA3  H N N 71  
GLY HXT  H N N 72  
HOH O    O N N 73  
HOH H1   H N N 74  
HOH H2   H N N 75  
HYP N    N N N 76  
HYP CA   C N S 77  
HYP C    C N N 78  
HYP O    O N N 79  
HYP CB   C N N 80  
HYP CG   C N R 81  
HYP CD   C N N 82  
HYP OD1  O N N 83  
HYP OXT  O N N 84  
HYP H    H N N 85  
HYP HA   H N N 86  
HYP HB2  H N N 87  
HYP HB3  H N N 88  
HYP HG   H N N 89  
HYP HD22 H N N 90  
HYP HD23 H N N 91  
HYP HD1  H N N 92  
HYP HXT  H N N 93  
LEU N    N N N 94  
LEU CA   C N S 95  
LEU C    C N N 96  
LEU O    O N N 97  
LEU CB   C N N 98  
LEU CG   C N N 99  
LEU CD1  C N N 100 
LEU CD2  C N N 101 
LEU OXT  O N N 102 
LEU H    H N N 103 
LEU H2   H N N 104 
LEU HA   H N N 105 
LEU HB2  H N N 106 
LEU HB3  H N N 107 
LEU HG   H N N 108 
LEU HD11 H N N 109 
LEU HD12 H N N 110 
LEU HD13 H N N 111 
LEU HD21 H N N 112 
LEU HD22 H N N 113 
LEU HD23 H N N 114 
LEU HXT  H N N 115 
PHE N    N N N 116 
PHE CA   C N S 117 
PHE C    C N N 118 
PHE O    O N N 119 
PHE CB   C N N 120 
PHE CG   C Y N 121 
PHE CD1  C Y N 122 
PHE CD2  C Y N 123 
PHE CE1  C Y N 124 
PHE CE2  C Y N 125 
PHE CZ   C Y N 126 
PHE OXT  O N N 127 
PHE H    H N N 128 
PHE H2   H N N 129 
PHE HA   H N N 130 
PHE HB2  H N N 131 
PHE HB3  H N N 132 
PHE HD1  H N N 133 
PHE HD2  H N N 134 
PHE HE1  H N N 135 
PHE HE2  H N N 136 
PHE HZ   H N N 137 
PHE HXT  H N N 138 
PHL N    N N N 139 
PHL CA   C N S 140 
PHL C    C N N 141 
PHL O    O N N 142 
PHL CB   C N N 143 
PHL CG   C Y N 144 
PHL CD1  C Y N 145 
PHL CD2  C Y N 146 
PHL CE1  C Y N 147 
PHL CE2  C Y N 148 
PHL CZ   C Y N 149 
PHL H    H N N 150 
PHL H2   H N N 151 
PHL HA   H N N 152 
PHL HC1  H N N 153 
PHL HC2  H N N 154 
PHL HO   H N N 155 
PHL HB2  H N N 156 
PHL HB3  H N N 157 
PHL HD1  H N N 158 
PHL HD2  H N N 159 
PHL HE1  H N N 160 
PHL HE2  H N N 161 
PHL HZ   H N N 162 
VAL N    N N N 163 
VAL CA   C N S 164 
VAL C    C N N 165 
VAL O    O N N 166 
VAL CB   C N N 167 
VAL CG1  C N N 168 
VAL CG2  C N N 169 
VAL OXT  O N N 170 
VAL H    H N N 171 
VAL H2   H N N 172 
VAL HA   H N N 173 
VAL HB   H N N 174 
VAL HG11 H N N 175 
VAL HG12 H N N 176 
VAL HG13 H N N 177 
VAL HG21 H N N 178 
VAL HG22 H N N 179 
VAL HG23 H N N 180 
VAL HXT  H N N 181 
# 
loop_
_chem_comp_bond.comp_id 
_chem_comp_bond.atom_id_1 
_chem_comp_bond.atom_id_2 
_chem_comp_bond.value_order 
_chem_comp_bond.pdbx_aromatic_flag 
_chem_comp_bond.pdbx_stereo_config 
_chem_comp_bond.pdbx_ordinal 
ACE C   O    doub N N 1   
ACE C   CH3  sing N N 2   
ACE C   H    sing N N 3   
ACE CH3 H1   sing N N 4   
ACE CH3 H2   sing N N 5   
ACE CH3 H3   sing N N 6   
AIB N   CA   sing N N 7   
AIB N   H    sing N N 8   
AIB N   H2   sing N N 9   
AIB CA  C    sing N N 10  
AIB CA  CB1  sing N N 11  
AIB CA  CB2  sing N N 12  
AIB C   O    doub N N 13  
AIB C   OXT  sing N N 14  
AIB OXT HXT  sing N N 15  
AIB CB1 HB11 sing N N 16  
AIB CB1 HB12 sing N N 17  
AIB CB1 HB13 sing N N 18  
AIB CB2 HB21 sing N N 19  
AIB CB2 HB22 sing N N 20  
AIB CB2 HB23 sing N N 21  
DIV N   CA   sing N N 22  
DIV N   H    sing N N 23  
DIV N   H2   sing N N 24  
DIV CA  CB1  sing N N 25  
DIV CA  CB2  sing N N 26  
DIV CA  C    sing N N 27  
DIV CB1 CG1  sing N N 28  
DIV CB1 HB11 sing N N 29  
DIV CB1 HB12 sing N N 30  
DIV CG1 HG11 sing N N 31  
DIV CG1 HG12 sing N N 32  
DIV CG1 HG13 sing N N 33  
DIV CB2 HB21 sing N N 34  
DIV CB2 HB22 sing N N 35  
DIV CB2 HB23 sing N N 36  
DIV C   O    doub N N 37  
DIV C   OXT  sing N N 38  
DIV OXT HXT  sing N N 39  
GLN N   CA   sing N N 40  
GLN N   H    sing N N 41  
GLN N   H2   sing N N 42  
GLN CA  C    sing N N 43  
GLN CA  CB   sing N N 44  
GLN CA  HA   sing N N 45  
GLN C   O    doub N N 46  
GLN C   OXT  sing N N 47  
GLN CB  CG   sing N N 48  
GLN CB  HB2  sing N N 49  
GLN CB  HB3  sing N N 50  
GLN CG  CD   sing N N 51  
GLN CG  HG2  sing N N 52  
GLN CG  HG3  sing N N 53  
GLN CD  OE1  doub N N 54  
GLN CD  NE2  sing N N 55  
GLN NE2 HE21 sing N N 56  
GLN NE2 HE22 sing N N 57  
GLN OXT HXT  sing N N 58  
GLY N   CA   sing N N 59  
GLY N   H    sing N N 60  
GLY N   H2   sing N N 61  
GLY CA  C    sing N N 62  
GLY CA  HA2  sing N N 63  
GLY CA  HA3  sing N N 64  
GLY C   O    doub N N 65  
GLY C   OXT  sing N N 66  
GLY OXT HXT  sing N N 67  
HOH O   H1   sing N N 68  
HOH O   H2   sing N N 69  
HYP N   CA   sing N N 70  
HYP N   CD   sing N N 71  
HYP N   H    sing N N 72  
HYP CA  C    sing N N 73  
HYP CA  CB   sing N N 74  
HYP CA  HA   sing N N 75  
HYP C   O    doub N N 76  
HYP C   OXT  sing N N 77  
HYP CB  CG   sing N N 78  
HYP CB  HB2  sing N N 79  
HYP CB  HB3  sing N N 80  
HYP CG  CD   sing N N 81  
HYP CG  OD1  sing N N 82  
HYP CG  HG   sing N N 83  
HYP CD  HD22 sing N N 84  
HYP CD  HD23 sing N N 85  
HYP OD1 HD1  sing N N 86  
HYP OXT HXT  sing N N 87  
LEU N   CA   sing N N 88  
LEU N   H    sing N N 89  
LEU N   H2   sing N N 90  
LEU CA  C    sing N N 91  
LEU CA  CB   sing N N 92  
LEU CA  HA   sing N N 93  
LEU C   O    doub N N 94  
LEU C   OXT  sing N N 95  
LEU CB  CG   sing N N 96  
LEU CB  HB2  sing N N 97  
LEU CB  HB3  sing N N 98  
LEU CG  CD1  sing N N 99  
LEU CG  CD2  sing N N 100 
LEU CG  HG   sing N N 101 
LEU CD1 HD11 sing N N 102 
LEU CD1 HD12 sing N N 103 
LEU CD1 HD13 sing N N 104 
LEU CD2 HD21 sing N N 105 
LEU CD2 HD22 sing N N 106 
LEU CD2 HD23 sing N N 107 
LEU OXT HXT  sing N N 108 
PHE N   CA   sing N N 109 
PHE N   H    sing N N 110 
PHE N   H2   sing N N 111 
PHE CA  C    sing N N 112 
PHE CA  CB   sing N N 113 
PHE CA  HA   sing N N 114 
PHE C   O    doub N N 115 
PHE C   OXT  sing N N 116 
PHE CB  CG   sing N N 117 
PHE CB  HB2  sing N N 118 
PHE CB  HB3  sing N N 119 
PHE CG  CD1  doub Y N 120 
PHE CG  CD2  sing Y N 121 
PHE CD1 CE1  sing Y N 122 
PHE CD1 HD1  sing N N 123 
PHE CD2 CE2  doub Y N 124 
PHE CD2 HD2  sing N N 125 
PHE CE1 CZ   doub Y N 126 
PHE CE1 HE1  sing N N 127 
PHE CE2 CZ   sing Y N 128 
PHE CE2 HE2  sing N N 129 
PHE CZ  HZ   sing N N 130 
PHE OXT HXT  sing N N 131 
PHL N   CA   sing N N 132 
PHL N   H    sing N N 133 
PHL N   H2   sing N N 134 
PHL CA  C    sing N N 135 
PHL CA  CB   sing N N 136 
PHL CA  HA   sing N N 137 
PHL C   O    sing N N 138 
PHL C   HC1  sing N N 139 
PHL C   HC2  sing N N 140 
PHL O   HO   sing N N 141 
PHL CB  CG   sing N N 142 
PHL CB  HB2  sing N N 143 
PHL CB  HB3  sing N N 144 
PHL CG  CD1  doub Y N 145 
PHL CG  CD2  sing Y N 146 
PHL CD1 CE1  sing Y N 147 
PHL CD1 HD1  sing N N 148 
PHL CD2 CE2  doub Y N 149 
PHL CD2 HD2  sing N N 150 
PHL CE1 CZ   doub Y N 151 
PHL CE1 HE1  sing N N 152 
PHL CE2 CZ   sing Y N 153 
PHL CE2 HE2  sing N N 154 
PHL CZ  HZ   sing N N 155 
VAL N   CA   sing N N 156 
VAL N   H    sing N N 157 
VAL N   H2   sing N N 158 
VAL CA  C    sing N N 159 
VAL CA  CB   sing N N 160 
VAL CA  HA   sing N N 161 
VAL C   O    doub N N 162 
VAL C   OXT  sing N N 163 
VAL CB  CG1  sing N N 164 
VAL CB  CG2  sing N N 165 
VAL CB  HB   sing N N 166 
VAL CG1 HG11 sing N N 167 
VAL CG1 HG12 sing N N 168 
VAL CG1 HG13 sing N N 169 
VAL CG2 HG21 sing N N 170 
VAL CG2 HG22 sing N N 171 
VAL CG2 HG23 sing N N 172 
VAL OXT HXT  sing N N 173 
# 
_atom_sites.entry_id                    4G13 
_atom_sites.fract_transf_matrix[1][1]   0.01180295 
_atom_sites.fract_transf_matrix[1][2]   -0.02155026 
_atom_sites.fract_transf_matrix[1][3]   0.00073968 
_atom_sites.fract_transf_matrix[2][1]   0.06112132 
_atom_sites.fract_transf_matrix[2][2]   0.03636473 
_atom_sites.fract_transf_matrix[2][3]   0.08416821 
_atom_sites.fract_transf_matrix[3][1]   -0.01793306 
_atom_sites.fract_transf_matrix[3][2]   -0.03072089 
_atom_sites.fract_transf_matrix[3][3]   0.02629555 
_atom_sites.fract_transf_vector[1]      0.336697 
_atom_sites.fract_transf_vector[2]      0.405260 
_atom_sites.fract_transf_vector[3]      0.913506 
# 
loop_
_atom_type.symbol 
C 
H 
N 
O 
# 
loop_
_atom_site.group_PDB 
_atom_site.id 
_atom_site.type_symbol 
_atom_site.label_atom_id 
_atom_site.label_alt_id 
_atom_site.label_comp_id 
_atom_site.label_asym_id 
_atom_site.label_entity_id 
_atom_site.label_seq_id 
_atom_site.pdbx_PDB_ins_code 
_atom_site.Cartn_x 
_atom_site.Cartn_y 
_atom_site.Cartn_z 
_atom_site.occupancy 
_atom_site.B_iso_or_equiv 
_atom_site.pdbx_formal_charge 
_atom_site.auth_seq_id 
_atom_site.auth_comp_id 
_atom_site.auth_asym_id 
_atom_site.auth_atom_id 
_atom_site.pdbx_PDB_model_num 
HETATM 1   C C    . ACE A 1 1  ? 2.837  -12.930 3.099  1.00 4.37  ? 0   ACE A C    1 
HETATM 2   O O    . ACE A 1 1  ? 3.659  -12.291 3.693  1.00 6.36  ? 0   ACE A O    1 
HETATM 3   C CH3  . ACE A 1 1  ? 2.378  -14.316 3.540  1.00 5.33  ? 0   ACE A CH3  1 
HETATM 4   H H1   . ACE A 1 1  ? 1.713  -14.642 2.929  1.00 7.99  ? 0   ACE A H1   1 
HETATM 5   H H2   . ACE A 1 1  ? 2.003  -14.263 4.423  1.00 7.99  ? 0   ACE A H2   1 
HETATM 6   H H3   . ACE A 1 1  ? 3.128  -14.915 3.547  1.00 7.99  ? 0   ACE A H3   1 
ATOM   7   N N    . PHE A 1 2  ? 2.258  -12.461 1.978  1.00 4.57  ? 1   PHE A N    1 
ATOM   8   C CA   . PHE A 1 2  ? 2.639  -11.182 1.409  1.00 4.64  ? 1   PHE A CA   1 
ATOM   9   C C    . PHE A 1 2  ? 1.488  -10.230 1.183  1.00 4.22  ? 1   PHE A C    1 
ATOM   10  O O    . PHE A 1 2  ? 1.761  -9.072  0.827  1.00 4.98  ? 1   PHE A O    1 
ATOM   11  C CB   . PHE A 1 2  ? 3.482  -11.366 0.139  1.00 5.15  ? 1   PHE A CB   1 
ATOM   12  C CG   . PHE A 1 2  ? 2.756  -12.176 -0.912 1.00 4.90  ? 1   PHE A CG   1 
ATOM   13  C CD1  . PHE A 1 2  ? 1.777  -11.668 -1.729 1.00 6.25  ? 1   PHE A CD1  1 
ATOM   14  C CD2  . PHE A 1 2  ? 3.027  -13.535 -1.025 1.00 5.97  ? 1   PHE A CD2  1 
ATOM   15  C CE1  . PHE A 1 2  ? 1.064  -12.535 -2.591 1.00 6.86  ? 1   PHE A CE1  1 
ATOM   16  C CE2  . PHE A 1 2  ? 2.326  -14.337 -1.905 1.00 7.71  ? 1   PHE A CE2  1 
ATOM   17  C CZ   . PHE A 1 2  ? 1.332  -13.816 -2.674 1.00 7.62  ? 1   PHE A CZ   1 
ATOM   18  H H    . PHE A 1 2  ? 1.650  -12.930 1.591  1.00 5.48  ? 1   PHE A H    1 
ATOM   19  H HA   . PHE A 1 2  ? 3.226  -10.753 2.068  1.00 5.56  ? 1   PHE A HA   1 
ATOM   20  H HB2  . PHE A 1 2  ? 3.702  -10.493 -0.226 1.00 6.18  ? 1   PHE A HB2  1 
ATOM   21  H HB3  . PHE A 1 2  ? 4.312  -11.811 0.368  1.00 6.18  ? 1   PHE A HB3  1 
ATOM   22  H HD1  . PHE A 1 2  ? 1.581  -10.759 -1.715 1.00 7.50  ? 1   PHE A HD1  1 
ATOM   23  H HD2  . PHE A 1 2  ? 3.693  -13.912 -0.498 1.00 7.17  ? 1   PHE A HD2  1 
ATOM   24  H HE1  . PHE A 1 2  ? 0.383  -12.183 -3.118 1.00 8.23  ? 1   PHE A HE1  1 
ATOM   25  H HE2  . PHE A 1 2  ? 2.534  -15.241 -1.973 1.00 9.26  ? 1   PHE A HE2  1 
ATOM   26  H HZ   . PHE A 1 2  ? 0.849  -14.362 -3.251 1.00 9.14  ? 1   PHE A HZ   1 
HETATM 27  N N    . AIB A 1 3  ? 0.226  -10.619 1.390  1.00 3.79  ? 2   AIB A N    1 
HETATM 28  C CA   . AIB A 1 3  ? -0.885 -9.704  1.176  1.00 4.04  ? 2   AIB A CA   1 
HETATM 29  C C    . AIB A 1 3  ? -0.623 -8.410  1.951  1.00 3.50  ? 2   AIB A C    1 
HETATM 30  O O    . AIB A 1 3  ? -0.860 -7.299  1.458  1.00 4.19  ? 2   AIB A O    1 
HETATM 31  C CB1  . AIB A 1 3  ? -2.163 -10.336 1.749  1.00 4.14  ? 2   AIB A CB1  1 
HETATM 32  C CB2  . AIB A 1 3  ? -1.064 -9.403  -0.307 1.00 4.70  ? 2   AIB A CB2  1 
HETATM 33  H H    . AIB A 1 3  ? 0.068  -11.421 1.653  1.00 4.55  ? 2   AIB A H    1 
HETATM 34  H HB11 . AIB A 1 3  ? -2.036 -10.524 2.682  1.00 6.20  ? 2   AIB A HB11 1 
HETATM 35  H HB12 . AIB A 1 3  ? -2.354 -11.152 1.281  1.00 6.20  ? 2   AIB A HB12 1 
HETATM 36  H HB13 . AIB A 1 3  ? -2.896 -9.725  1.642  1.00 6.20  ? 2   AIB A HB13 1 
HETATM 37  H HB21 . AIB A 1 3  ? -1.221 -10.222 -0.783 1.00 7.04  ? 2   AIB A HB21 1 
HETATM 38  H HB22 . AIB A 1 3  ? -0.270 -8.982  -0.646 1.00 7.04  ? 2   AIB A HB22 1 
HETATM 39  H HB23 . AIB A 1 3  ? -1.814 -8.815  -0.426 1.00 7.04  ? 2   AIB A HB23 1 
HETATM 40  N N    . AIB A 1 4  ? -0.210 -8.559  3.229  1.00 3.76  ? 3   AIB A N    1 
HETATM 41  C CA   . AIB A 1 4  ? -0.064 -7.423  4.130  1.00 4.10  ? 3   AIB A CA   1 
HETATM 42  C C    . AIB A 1 4  ? 0.870  -6.374  3.502  1.00 4.24  ? 3   AIB A C    1 
HETATM 43  O O    . AIB A 1 4  ? 0.687  -5.172  3.692  1.00 4.71  ? 3   AIB A O    1 
HETATM 44  C CB1  . AIB A 1 4  ? 0.582  -7.914  5.410  1.00 4.75  ? 3   AIB A CB1  1 
HETATM 45  C CB2  . AIB A 1 4  ? -1.440 -6.824  4.433  1.00 5.13  ? 3   AIB A CB2  1 
HETATM 46  H H    . AIB A 1 4  ? -0.028 -9.347  3.520  1.00 4.51  ? 3   AIB A H    1 
HETATM 47  H HB11 . AIB A 1 4  ? 0.011  -8.564  5.826  1.00 7.13  ? 3   AIB A HB11 1 
HETATM 48  H HB12 . AIB A 1 4  ? 0.713  -7.174  6.007  1.00 7.13  ? 3   AIB A HB12 1 
HETATM 49  H HB13 . AIB A 1 4  ? 1.430  -8.316  5.206  1.00 7.13  ? 3   AIB A HB13 1 
HETATM 50  H HB21 . AIB A 1 4  ? -2.006 -7.499  4.817  1.00 7.69  ? 3   AIB A HB21 1 
HETATM 51  H HB22 . AIB A 1 4  ? -1.835 -6.501  3.619  1.00 7.69  ? 3   AIB A HB22 1 
HETATM 52  H HB23 . AIB A 1 4  ? -1.344 -6.097  5.052  1.00 7.69  ? 3   AIB A HB23 1 
HETATM 53  N N    . AIB A 1 5  ? 1.917  -6.821  2.815  1.00 4.22  ? 4   AIB A N    1 
HETATM 54  C CA   . AIB A 1 5  ? 2.931  -5.925  2.253  1.00 5.10  ? 4   AIB A CA   1 
HETATM 55  C C    . AIB A 1 5  ? 2.219  -4.857  1.391  1.00 4.50  ? 4   AIB A C    1 
HETATM 56  O O    . AIB A 1 5  ? 2.450  -3.659  1.499  1.00 5.61  ? 4   AIB A O    1 
HETATM 57  C CB1  . AIB A 1 5  ? 3.856  -6.756  1.346  1.00 5.69  ? 4   AIB A CB1  1 
HETATM 58  C CB2  . AIB A 1 5  ? 3.740  -5.266  3.348  1.00 6.49  ? 4   AIB A CB2  1 
HETATM 59  H H    . AIB A 1 5  ? 2.001  -7.668  2.695  1.00 5.06  ? 4   AIB A H    1 
HETATM 60  H HB11 . AIB A 1 5  ? 3.334  -7.179  0.660  1.00 8.54  ? 4   AIB A HB11 1 
HETATM 61  H HB12 . AIB A 1 5  ? 4.301  -7.425  1.869  1.00 8.54  ? 4   AIB A HB12 1 
HETATM 62  H HB13 . AIB A 1 5  ? 4.508  -6.179  0.941  1.00 8.54  ? 4   AIB A HB13 1 
HETATM 63  H HB21 . AIB A 1 5  ? 4.176  -5.940  3.873  1.00 9.74  ? 4   AIB A HB21 1 
HETATM 64  H HB22 . AIB A 1 5  ? 3.156  -4.750  3.909  1.00 9.74  ? 4   AIB A HB22 1 
HETATM 65  H HB23 . AIB A 1 5  ? 4.399  -4.688  2.955  1.00 9.74  ? 4   AIB A HB23 1 
ATOM   66  N N    . VAL A 1 6  ? 1.330  -5.326  0.494  1.00 4.55  ? 5   VAL A N    1 
ATOM   67  C CA   . VAL A 1 6  ? 0.650  -4.424  -0.379 1.00 4.76  ? 5   VAL A CA   1 
ATOM   68  C C    . VAL A 1 6  ? -0.460 -3.712  0.318  1.00 4.79  ? 5   VAL A C    1 
ATOM   69  O O    . VAL A 1 6  ? -0.714 -2.519  0.090  1.00 4.97  ? 5   VAL A O    1 
ATOM   70  C CB   A VAL A 1 6  ? -0.088 -5.118  -1.527 0.60 6.67  ? 5   VAL A CB   1 
ATOM   71  C CB   B VAL A 1 6  ? 0.302  -5.095  -1.745 0.40 3.05  ? 5   VAL A CB   1 
ATOM   72  C CG1  A VAL A 1 6  ? -0.829 -4.254  -2.482 0.60 6.07  ? 5   VAL A CG1  1 
ATOM   73  C CG1  B VAL A 1 6  ? -1.193 -5.336  -1.827 0.40 6.25  ? 5   VAL A CG1  1 
ATOM   74  C CG2  A VAL A 1 6  ? 0.983  -5.644  -2.345 0.60 8.00  ? 5   VAL A CG2  1 
ATOM   75  C CG2  B VAL A 1 6  ? 0.719  -4.142  -2.883 0.40 5.74  ? 5   VAL A CG2  1 
ATOM   76  H H    . VAL A 1 6  ? 1.173  -6.170  0.447  1.00 5.46  ? 5   VAL A H    1 
ATOM   77  H HA   A VAL A 1 6  ? 1.286  -3.771  -0.741 1.00 5.71  ? 5   VAL A HA   1 
ATOM   78  H HB   A VAL A 1 6  ? -0.659 -5.839  -1.191 0.60 8.00  ? 5   VAL A HB   1 
ATOM   79  H HB   B VAL A 1 6  ? 0.782  -5.946  -1.830 0.40 3.66  ? 5   VAL A HB   1 
ATOM   80  H HG11 A VAL A 1 6  ? -1.582 -3.859  -2.038 0.60 9.10  ? 5   VAL A HG11 1 
ATOM   81  H HG11 B VAL A 1 6  ? -1.405 -5.754  -2.664 0.40 9.37  ? 5   VAL A HG11 1 
ATOM   82  H HG12 A VAL A 1 6  ? -1.136 -4.785  -3.221 0.60 9.10  ? 5   VAL A HG12 1 
ATOM   83  H HG12 B VAL A 1 6  ? -1.656 -4.497  -1.762 0.40 9.37  ? 5   VAL A HG12 1 
ATOM   84  H HG13 A VAL A 1 6  ? -0.248 -3.563  -2.805 0.60 9.10  ? 5   VAL A HG13 1 
ATOM   85  H HG13 B VAL A 1 6  ? -1.465 -5.908  -1.106 0.40 9.37  ? 5   VAL A HG13 1 
ATOM   86  H HG21 A VAL A 1 6  ? 1.522  -6.242  -1.821 0.60 12.00 ? 5   VAL A HG21 1 
ATOM   87  H HG21 B VAL A 1 6  ? 1.668  -3.994  -2.846 0.40 8.60  ? 5   VAL A HG21 1 
ATOM   88  H HG22 A VAL A 1 6  ? 1.527  -4.921  -2.665 0.60 12.00 ? 5   VAL A HG22 1 
ATOM   89  H HG22 B VAL A 1 6  ? 0.261  -3.305  -2.784 0.40 8.60  ? 5   VAL A HG22 1 
ATOM   90  H HG23 A VAL A 1 6  ? 0.612  -6.120  -3.092 0.60 12.00 ? 5   VAL A HG23 1 
ATOM   91  H HG23 B VAL A 1 6  ? 0.490  -4.535  -3.729 0.40 8.60  ? 5   VAL A HG23 1 
ATOM   92  N N    . GLY A 1 7  ? -1.235 -4.424  1.171  1.00 4.63  ? 6   GLY A N    1 
ATOM   93  C CA   . GLY A 1 7  ? -2.369 -3.788  1.780  1.00 5.12  ? 6   GLY A CA   1 
ATOM   94  C C    . GLY A 1 7  ? -2.050 -2.602  2.680  1.00 4.05  ? 6   GLY A C    1 
ATOM   95  O O    . GLY A 1 7  ? -2.730 -1.602  2.692  1.00 4.45  ? 6   GLY A O    1 
ATOM   96  H H    . GLY A 1 7  ? -1.051 -5.245  1.345  1.00 5.55  ? 6   GLY A H    1 
ATOM   97  H HA2  . GLY A 1 7  ? -2.966 -3.487  1.077  1.00 6.14  ? 6   GLY A HA2  1 
ATOM   98  H HA3  . GLY A 1 7  ? -2.848 -4.450  2.303  1.00 6.14  ? 6   GLY A HA3  1 
ATOM   99  N N    . LEU A 1 8  ? -0.955 -2.730  3.452  1.00 3.63  ? 7   LEU A N    1 
ATOM   100 C CA   . LEU A 1 8  ? -0.580 -1.649  4.344  1.00 3.72  ? 7   LEU A CA   1 
ATOM   101 C C    . LEU A 1 8  ? -0.014 -0.458  3.587  1.00 3.50  ? 7   LEU A C    1 
ATOM   102 O O    . LEU A 1 8  ? -0.226 0.699   3.981  1.00 4.14  ? 7   LEU A O    1 
ATOM   103 C CB   . LEU A 1 8  ? 0.365  -2.138  5.436  1.00 4.45  ? 7   LEU A CB   1 
ATOM   104 C CG   . LEU A 1 8  ? -0.188 -3.327  6.272  1.00 4.42  ? 7   LEU A CG   1 
ATOM   105 C CD1  . LEU A 1 8  ? 0.780  -3.661  7.381  1.00 7.74  ? 7   LEU A CD1  1 
ATOM   106 C CD2  . LEU A 1 8  ? -1.616 -3.161  6.717  1.00 6.35  ? 7   LEU A CD2  1 
ATOM   107 H H    . LEU A 1 8  ? -0.481 -3.448  3.418  1.00 4.36  ? 7   LEU A H    1 
ATOM   108 H HA   . LEU A 1 8  ? -1.399 -1.345  4.787  1.00 4.47  ? 7   LEU A HA   1 
ATOM   109 H HB2  . LEU A 1 8  ? 1.202  -2.409  5.026  1.00 5.34  ? 7   LEU A HB2  1 
ATOM   110 H HB3  . LEU A 1 8  ? 0.558  -1.400  6.035  1.00 5.34  ? 7   LEU A HB3  1 
ATOM   111 H HG   . LEU A 1 8  ? -0.184 -4.101  5.671  1.00 5.31  ? 7   LEU A HG   1 
ATOM   112 H HD11 . LEU A 1 8  ? 1.664  -3.753  7.017  1.00 11.61 ? 7   LEU A HD11 1 
ATOM   113 H HD12 . LEU A 1 8  ? 0.518  -4.486  7.797  1.00 11.61 ? 7   LEU A HD12 1 
ATOM   114 H HD13 . LEU A 1 8  ? 0.774  -2.958  8.034  1.00 11.61 ? 7   LEU A HD13 1 
ATOM   115 H HD21 . LEU A 1 8  ? -2.166 -2.955  5.958  1.00 9.52  ? 7   LEU A HD21 1 
ATOM   116 H HD22 . LEU A 1 8  ? -1.671 -2.446  7.355  1.00 9.52  ? 7   LEU A HD22 1 
ATOM   117 H HD23 . LEU A 1 8  ? -1.922 -3.975  7.124  1.00 9.52  ? 7   LEU A HD23 1 
HETATM 118 N N    . AIB A 1 9  ? 0.732  -0.719  2.515  1.00 3.59  ? 8   AIB A N    1 
HETATM 119 C CA   . AIB A 1 9  ? 1.314  0.311   1.606  1.00 3.50  ? 8   AIB A CA   1 
HETATM 120 C C    . AIB A 1 9  ? 0.200  1.045   0.858  1.00 3.31  ? 8   AIB A C    1 
HETATM 121 O O    . AIB A 1 9  ? 0.311  2.236   0.551  1.00 3.63  ? 8   AIB A O    1 
HETATM 122 C CB1  . AIB A 1 9  ? 2.130  -0.424  0.551  1.00 3.93  ? 8   AIB A CB1  1 
HETATM 123 C CB2  . AIB A 1 9  ? 2.193  1.288   2.367  1.00 4.06  ? 8   AIB A CB2  1 
HETATM 124 H H    . AIB A 1 9  ? 0.890  -1.544  2.333  1.00 4.30  ? 8   AIB A H    1 
HETATM 125 H HB11 . AIB A 1 9  ? 2.843  -0.905  0.976  1.00 5.90  ? 8   AIB A HB11 1 
HETATM 126 H HB12 . AIB A 1 9  ? 2.497  0.211   -0.069 1.00 5.90  ? 8   AIB A HB12 1 
HETATM 127 H HB13 . AIB A 1 9  ? 1.563  -1.040  0.080  1.00 5.90  ? 8   AIB A HB13 1 
HETATM 128 H HB21 . AIB A 1 9  ? 1.663  1.755   3.017  1.00 6.09  ? 8   AIB A HB21 1 
HETATM 129 H HB22 . AIB A 1 9  ? 2.576  1.919   1.752  1.00 6.09  ? 8   AIB A HB22 1 
HETATM 130 H HB23 . AIB A 1 9  ? 2.896  0.808   2.810  1.00 6.09  ? 8   AIB A HB23 1 
HETATM 131 N N    . AIB A 1 10 ? -0.834 0.294   0.446  1.00 3.12  ? 9   AIB A N    1 
HETATM 132 C CA   . AIB A 1 10 ? -1.716 0.706   -0.666 1.00 3.27  ? 9   AIB A CA   1 
HETATM 133 C C    . AIB A 1 10 ? -2.299 2.089   -0.458 1.00 3.22  ? 9   AIB A C    1 
HETATM 134 O O    . AIB A 1 10 ? -2.377 2.867   -1.432 1.00 3.37  ? 9   AIB A O    1 
HETATM 135 C CB1  . AIB A 1 10 ? -2.890 -0.298  -0.762 1.00 3.47  ? 9   AIB A CB1  1 
HETATM 136 C CB2  . AIB A 1 10 ? -0.920 0.647   -1.954 1.00 3.79  ? 9   AIB A CB2  1 
HETATM 137 H H    . AIB A 1 10 ? -0.989 -0.452  0.843  1.00 3.74  ? 9   AIB A H    1 
HETATM 138 H HB11 . AIB A 1 10 ? -2.543 -1.184  -0.885 1.00 5.21  ? 9   AIB A HB11 1 
HETATM 139 H HB12 . AIB A 1 10 ? -3.450 -0.066  -1.508 1.00 5.21  ? 9   AIB A HB12 1 
HETATM 140 H HB13 . AIB A 1 10 ? -3.406 -0.265  0.047  1.00 5.21  ? 9   AIB A HB13 1 
HETATM 141 H HB21 . AIB A 1 10 ? -0.560 -0.236  -2.068 1.00 5.68  ? 9   AIB A HB21 1 
HETATM 142 H HB22 . AIB A 1 10 ? -0.203 1.283   -1.917 1.00 5.68  ? 9   AIB A HB22 1 
HETATM 143 H HB23 . AIB A 1 10 ? -1.494 0.855   -2.696 1.00 5.68  ? 9   AIB A HB23 1 
HETATM 144 N N    . HYP A 1 11 ? -2.791 2.461   0.742  1.00 2.94  ? 10  HYP A N    1 
HETATM 145 C CA   . HYP A 1 11 ? -3.419 3.770   0.870  1.00 3.13  ? 10  HYP A CA   1 
HETATM 146 C C    . HYP A 1 11 ? -2.497 4.952   0.631  1.00 3.35  ? 10  HYP A C    1 
HETATM 147 O O    . HYP A 1 11 ? -2.970 6.070   0.486  1.00 4.14  ? 10  HYP A O    1 
HETATM 148 C CB   . HYP A 1 11 ? -3.925 3.790   2.331  1.00 3.51  ? 10  HYP A CB   1 
HETATM 149 C CG   . HYP A 1 11 ? -4.023 2.328   2.711  1.00 3.25  ? 10  HYP A CG   1 
HETATM 150 C CD   . HYP A 1 11 ? -2.865 1.704   2.004  1.00 3.29  ? 10  HYP A CD   1 
HETATM 151 O OD1  . HYP A 1 11 ? -5.225 1.722   2.202  1.00 3.39  ? 10  HYP A OD1  1 
HETATM 152 H HA   . HYP A 1 11 ? -4.183 3.824   0.260  1.00 3.75  ? 10  HYP A HA   1 
HETATM 153 H HB2  . HYP A 1 11 ? -3.299 4.257   2.907  1.00 4.21  ? 10  HYP A HB2  1 
HETATM 154 H HB3  . HYP A 1 11 ? -4.791 4.223   2.390  1.00 4.21  ? 10  HYP A HB3  1 
HETATM 155 H HG   . HYP A 1 11 ? -3.950 2.209   3.681  1.00 3.90  ? 10  HYP A HG   1 
HETATM 156 H HD22 . HYP A 1 11 ? -2.048 1.803   2.519  1.00 3.94  ? 10  HYP A HD22 1 
HETATM 157 H HD23 . HYP A 1 11 ? -3.023 0.762   1.839  1.00 3.94  ? 10  HYP A HD23 1 
HETATM 158 H HD1  . HYP A 1 11 ? -5.867 2.200   2.378  1.00 5.09  ? 10  HYP A HD1  1 
ATOM   159 N N    . GLN A 1 12 ? -1.179 4.726   0.659  1.00 3.10  ? 11  GLN A N    1 
ATOM   160 C CA   . GLN A 1 12 ? -0.238 5.783   0.427  1.00 3.19  ? 11  GLN A CA   1 
ATOM   161 C C    . GLN A 1 12 ? 0.083  5.982   -1.060 1.00 3.30  ? 11  GLN A C    1 
ATOM   162 O O    . GLN A 1 12 ? 0.726  6.992   -1.406 1.00 3.56  ? 11  GLN A O    1 
ATOM   163 C CB   . GLN A 1 12 ? 1.062  5.549   1.185  1.00 3.57  ? 11  GLN A CB   1 
ATOM   164 C CG   . GLN A 1 12 ? 0.840  5.195   2.668  1.00 3.66  ? 11  GLN A CG   1 
ATOM   165 C CD   . GLN A 1 12 ? -0.105 6.123   3.360  1.00 3.88  ? 11  GLN A CD   1 
ATOM   166 O OE1  . GLN A 1 12 ? -0.069 7.353   3.182  1.00 4.87  ? 11  GLN A OE1  1 
ATOM   167 N NE2  . GLN A 1 12 ? -0.979 5.583   4.183  1.00 4.28  ? 11  GLN A NE2  1 
ATOM   168 H H    . GLN A 1 12 ? -0.890 3.933   0.821  1.00 3.72  ? 11  GLN A H    1 
ATOM   169 H HA   . GLN A 1 12 ? -0.634 6.615   0.761  1.00 3.83  ? 11  GLN A HA   1 
ATOM   170 H HB2  . GLN A 1 12 ? 1.550  4.828   0.758  1.00 4.28  ? 11  GLN A HB2  1 
ATOM   171 H HB3  . GLN A 1 12 ? 1.607  6.350   1.129  1.00 4.28  ? 11  GLN A HB3  1 
ATOM   172 H HG2  . GLN A 1 12 ? 0.493  4.291   2.727  1.00 4.39  ? 11  GLN A HG2  1 
ATOM   173 H HG3  . GLN A 1 12 ? 1.694  5.214   3.128  1.00 4.39  ? 11  GLN A HG3  1 
ATOM   174 H HE21 . GLN A 1 12 ? -1.536 6.084   4.607  1.00 5.14  ? 11  GLN A HE21 1 
ATOM   175 H HE22 . GLN A 1 12 ? -0.994 4.732   4.297  1.00 5.14  ? 11  GLN A HE22 1 
HETATM 176 N N    . DIV A 1 13 ? -0.340 5.057   -1.913 1.00 3.35  ? 12  DIV A N    1 
HETATM 177 C CA   . DIV A 1 13 ? 0.029  5.087   -3.333 1.00 3.29  ? 12  DIV A CA   1 
HETATM 178 C CB1  . DIV A 1 13 ? 1.537  4.811   -3.463 1.00 3.81  ? 12  DIV A CB1  1 
HETATM 179 C CG1  . DIV A 1 13 ? 1.982  3.533   -2.770 1.00 4.84  ? 12  DIV A CG1  1 
HETATM 180 C CB2  . DIV A 1 13 ? -0.761 4.000   -4.092 1.00 3.74  ? 12  DIV A CB2  1 
HETATM 181 C C    . DIV A 1 13 ? -0.297 6.447   -3.970 1.00 3.29  ? 12  DIV A C    1 
HETATM 182 O O    . DIV A 1 13 ? 0.482  6.942   -4.786 1.00 3.62  ? 12  DIV A O    1 
HETATM 183 H H    . DIV A 1 13 ? -0.844 4.423   -1.626 1.00 4.02  ? 12  DIV A H    1 
HETATM 184 H HB11 . DIV A 1 13 ? 2.026  5.560   -3.085 1.00 4.57  ? 12  DIV A HB11 1 
HETATM 185 H HB12 . DIV A 1 13 ? 1.766  4.755   -4.403 1.00 4.57  ? 12  DIV A HB12 1 
HETATM 186 H HG11 . DIV A 1 13 ? 2.928  3.420   -2.884 1.00 7.26  ? 12  DIV A HG11 1 
HETATM 187 H HG12 . DIV A 1 13 ? 1.522  2.784   -3.155 1.00 7.26  ? 12  DIV A HG12 1 
HETATM 188 H HG13 . DIV A 1 13 ? 1.777  3.589   -1.834 1.00 7.26  ? 12  DIV A HG13 1 
HETATM 189 H HB21 . DIV A 1 13 ? -1.702 4.168   -4.002 1.00 5.61  ? 12  DIV A HB21 1 
HETATM 190 H HB22 . DIV A 1 13 ? -0.553 3.138   -3.724 1.00 5.61  ? 12  DIV A HB22 1 
HETATM 191 H HB23 . DIV A 1 13 ? -0.520 4.019   -5.021 1.00 5.61  ? 12  DIV A HB23 1 
HETATM 192 N N    . HYP A 1 14 ? -1.430 7.077   -3.641 1.00 3.51  ? 13  HYP A N    1 
HETATM 193 C CA   . HYP A 1 14 ? -1.758 8.324   -4.354 1.00 3.71  ? 13  HYP A CA   1 
HETATM 194 C C    . HYP A 1 14 ? -0.848 9.469   -4.070 1.00 3.40  ? 13  HYP A C    1 
HETATM 195 O O    . HYP A 1 14 ? -0.912 10.484  -4.802 1.00 3.88  ? 13  HYP A O    1 
HETATM 196 C CB   . HYP A 1 14 ? -3.207 8.603   -3.994 1.00 4.69  ? 13  HYP A CB   1 
HETATM 197 C CG   . HYP A 1 14 ? -3.767 7.208   -3.683 1.00 4.39  ? 13  HYP A CG   1 
HETATM 198 C CD   . HYP A 1 14 ? -2.620 6.601   -2.896 1.00 3.70  ? 13  HYP A CD   1 
HETATM 199 O OD1  . HYP A 1 14 ? -3.956 6.554   -4.916 1.00 5.07  ? 13  HYP A OD1  1 
HETATM 200 H HA   . HYP A 1 14 ? -1.718 8.139   -5.315 1.00 4.46  ? 13  HYP A HA   1 
HETATM 201 H HB2  . HYP A 1 14 ? -3.679 9.011   -4.738 1.00 5.63  ? 13  HYP A HB2  1 
HETATM 202 H HB3  . HYP A 1 14 ? -3.269 9.185   -3.221 1.00 5.63  ? 13  HYP A HB3  1 
HETATM 203 H HG   . HYP A 1 14 ? -4.593 7.252   -3.157 1.00 5.27  ? 13  HYP A HG   1 
HETATM 204 H HD22 . HYP A 1 14 ? -2.613 6.922   -1.980 1.00 4.45  ? 13  HYP A HD22 1 
HETATM 205 H HD23 . HYP A 1 14 ? -2.669 5.632   -2.894 1.00 4.45  ? 13  HYP A HD23 1 
HETATM 206 H HD1  . HYP A 1 14 ? -4.171 5.774   -4.781 1.00 7.61  ? 13  HYP A HD1  1 
HETATM 207 N N    . AIB A 1 15 ? 0.036  9.367   -3.061 1.00 3.37  ? 14  AIB A N    1 
HETATM 208 C CA   . AIB A 1 15 ? 1.091  10.381  -2.851 1.00 3.62  ? 14  AIB A CA   1 
HETATM 209 C C    . AIB A 1 15 ? 1.869  10.572  -4.142 1.00 3.15  ? 14  AIB A C    1 
HETATM 210 O O    . AIB A 1 15 ? 2.518  11.628  -4.331 1.00 3.66  ? 14  AIB A O    1 
HETATM 211 C CB1  . AIB A 1 15 ? 2.053  9.826   -1.804 1.00 4.21  ? 14  AIB A CB1  1 
HETATM 212 C CB2  . AIB A 1 15 ? 0.471  11.684  -2.372 1.00 4.30  ? 14  AIB A CB2  1 
HETATM 213 H H    . AIB A 1 15 ? -0.013 8.695   -2.526 1.00 4.04  ? 14  AIB A H    1 
HETATM 214 H HB11 . AIB A 1 15 ? 1.584  9.692   -0.977 1.00 6.32  ? 14  AIB A HB11 1 
HETATM 215 H HB12 . AIB A 1 15 ? 2.771  10.449  -1.667 1.00 6.32  ? 14  AIB A HB12 1 
HETATM 216 H HB13 . AIB A 1 15 ? 2.409  8.988   -2.109 1.00 6.32  ? 14  AIB A HB13 1 
HETATM 217 H HB21 . AIB A 1 15 ? -0.129 12.018  -3.041 1.00 6.45  ? 14  AIB A HB21 1 
HETATM 218 H HB22 . AIB A 1 15 ? 1.164  12.328  -2.212 1.00 6.45  ? 14  AIB A HB22 1 
HETATM 219 H HB23 . AIB A 1 15 ? -0.013 11.527  -1.557 1.00 6.45  ? 14  AIB A HB23 1 
HETATM 220 N N    . PHL A 1 16 ? 1.909  9.578   -5.054 1.00 3.36  ? 15  PHL A N    1 
HETATM 221 C CA   . PHL A 1 16 ? 2.375  9.732   -6.413 1.00 3.50  ? 15  PHL A CA   1 
HETATM 222 C C    . PHL A 1 16 ? 1.467  10.664  -7.194 1.00 3.97  ? 15  PHL A C    1 
HETATM 223 O O    . PHL A 1 16 ? 0.149  10.137  -7.328 1.00 4.45  ? 15  PHL A O    1 
HETATM 224 C CB   . PHL A 1 16 ? 2.507  8.378   -7.097 1.00 3.82  ? 15  PHL A CB   1 
HETATM 225 C CG   . PHL A 1 16 ? 3.793  7.621   -6.873 1.00 3.46  ? 15  PHL A CG   1 
HETATM 226 C CD1  . PHL A 1 16 ? 4.467  7.065   -7.961 1.00 3.87  ? 15  PHL A CD1  1 
HETATM 227 C CD2  . PHL A 1 16 ? 4.356  7.425   -5.618 1.00 4.14  ? 15  PHL A CD2  1 
HETATM 228 C CE1  . PHL A 1 16 ? 5.646  6.375   -7.812 1.00 4.18  ? 15  PHL A CE1  1 
HETATM 229 C CE2  . PHL A 1 16 ? 5.552  6.726   -5.479 1.00 4.64  ? 15  PHL A CE2  1 
HETATM 230 C CZ   . PHL A 1 16 ? 6.195  6.220   -6.544 1.00 4.06  ? 15  PHL A CZ   1 
HETATM 231 H H    . PHL A 1 16 ? 1.637  8.799   -4.810 1.00 4.03  ? 15  PHL A H    1 
HETATM 232 H HA   . PHL A 1 16 ? 3.266  10.140  -6.379 1.00 4.20  ? 15  PHL A HA   1 
HETATM 233 H HC1  . PHL A 1 16 ? 1.424  11.521  -6.742 1.00 4.76  ? 15  PHL A HC1  1 
HETATM 234 H HC2  . PHL A 1 16 ? 1.844  10.810  -8.076 1.00 4.76  ? 15  PHL A HC2  1 
HETATM 235 H HO   . PHL A 1 16 ? -0.251 10.215  -6.615 1.00 6.68  ? 15  PHL A HO   1 
HETATM 236 H HB2  . PHL A 1 16 ? 1.773  7.819   -6.802 1.00 4.59  ? 15  PHL A HB2  1 
HETATM 237 H HB3  . PHL A 1 16 ? 2.399  8.513   -8.053 1.00 4.59  ? 15  PHL A HB3  1 
HETATM 238 H HD1  . PHL A 1 16 ? 4.106  7.164   -8.813 1.00 4.65  ? 15  PHL A HD1  1 
HETATM 239 H HD2  . PHL A 1 16 ? 3.929  7.764   -4.864 1.00 4.97  ? 15  PHL A HD2  1 
HETATM 240 H HE1  . PHL A 1 16 ? 6.074  6.013   -8.555 1.00 5.01  ? 15  PHL A HE1  1 
HETATM 241 H HE2  . PHL A 1 16 ? 5.913  6.606   -4.630 1.00 5.56  ? 15  PHL A HE2  1 
HETATM 242 H HZ   . PHL A 1 16 ? 7.003  5.771   -6.435 1.00 4.87  ? 15  PHL A HZ   1 
HETATM 243 O O    . HOH B 2 .  ? 0.322  -11.054 4.507  1.00 4.61  ? 101 HOH A O    1 
HETATM 244 O O    . HOH B 2 .  ? -2.790 8.339   2.434  1.00 11.22 ? 102 HOH A O    1 
# 
loop_
_atom_site_anisotrop.id 
_atom_site_anisotrop.type_symbol 
_atom_site_anisotrop.pdbx_label_atom_id 
_atom_site_anisotrop.pdbx_label_alt_id 
_atom_site_anisotrop.pdbx_label_comp_id 
_atom_site_anisotrop.pdbx_label_asym_id 
_atom_site_anisotrop.pdbx_label_seq_id 
_atom_site_anisotrop.pdbx_PDB_ins_code 
_atom_site_anisotrop.U[1][1] 
_atom_site_anisotrop.U[2][2] 
_atom_site_anisotrop.U[3][3] 
_atom_site_anisotrop.U[1][2] 
_atom_site_anisotrop.U[1][3] 
_atom_site_anisotrop.U[2][3] 
_atom_site_anisotrop.pdbx_auth_seq_id 
_atom_site_anisotrop.pdbx_auth_comp_id 
_atom_site_anisotrop.pdbx_auth_asym_id 
_atom_site_anisotrop.pdbx_auth_atom_id 
1   C C   . ACE A 1  ? 0.0618 0.0649 0.0393 -0.0143 -0.0048 -0.0024 0   ACE A C   
2   O O   . ACE A 1  ? 0.1033 0.0855 0.0527 -0.0318 -0.0296 0.0056  0   ACE A O   
3   C CH3 . ACE A 1  ? 0.0651 0.0743 0.0630 -0.0098 -0.0142 0.0176  0   ACE A CH3 
7   N N   . PHE A 2  ? 0.0611 0.0525 0.0598 -0.0193 -0.0205 0.0063  1   PHE A N   
8   C CA  . PHE A 2  ? 0.0624 0.0555 0.0582 -0.0232 -0.0155 0.0077  1   PHE A CA  
9   C C   . PHE A 2  ? 0.0649 0.0449 0.0506 -0.0141 -0.0111 0.0028  1   PHE A C   
10  O O   . PHE A 2  ? 0.0802 0.0448 0.0640 -0.0240 0.0024  0.0037  1   PHE A O   
11  C CB  . PHE A 2  ? 0.0508 0.0686 0.0762 -0.0168 -0.0030 0.0021  1   PHE A CB  
12  C CG  . PHE A 2  ? 0.0570 0.0699 0.0594 -0.0172 0.0089  0.0059  1   PHE A CG  
13  C CD1 . PHE A 2  ? 0.0649 0.1162 0.0565 0.0042  -0.0057 -0.0076 1   PHE A CD1 
14  C CD2 . PHE A 2  ? 0.0909 0.0743 0.0617 -0.0272 0.0035  0.0028  1   PHE A CD2 
15  C CE1 . PHE A 2  ? 0.0730 0.1410 0.0467 -0.0148 -0.0031 -0.0014 1   PHE A CE1 
16  C CE2 . PHE A 2  ? 0.1400 0.0824 0.0706 -0.0546 0.0378  -0.0115 1   PHE A CE2 
17  C CZ  . PHE A 2  ? 0.0959 0.1297 0.0639 -0.0453 0.0180  -0.0160 1   PHE A CZ  
27  N N   . AIB A 3  ? 0.0616 0.0402 0.0423 -0.0148 -0.0130 0.0122  2   AIB A N   
28  C CA  . AIB A 3  ? 0.0675 0.0381 0.0480 -0.0169 -0.0177 0.0081  2   AIB A CA  
29  C C   . AIB A 3  ? 0.0509 0.0407 0.0415 -0.0146 -0.0164 0.0063  2   AIB A C   
30  O O   . AIB A 3  ? 0.0690 0.0358 0.0542 -0.0145 -0.0227 0.0108  2   AIB A O   
31  C CB1 . AIB A 3  ? 0.0600 0.0401 0.0571 -0.0144 -0.0218 0.0047  2   AIB A CB1 
32  C CB2 . AIB A 3  ? 0.0794 0.0494 0.0496 -0.0133 -0.0249 0.0068  2   AIB A CB2 
40  N N   . AIB A 4  ? 0.0620 0.0401 0.0408 -0.0116 -0.0166 0.0103  3   AIB A N   
41  C CA  . AIB A 4  ? 0.0635 0.0481 0.0441 -0.0111 -0.0107 0.0002  3   AIB A CA  
42  C C   . AIB A 4  ? 0.0637 0.0478 0.0496 -0.0222 -0.0263 0.0100  3   AIB A C   
43  O O   . AIB A 4  ? 0.0860 0.0398 0.0530 -0.0105 -0.0155 0.0045  3   AIB A O   
44  C CB1 . AIB A 4  ? 0.0831 0.0550 0.0424 -0.0136 -0.0124 0.0007  3   AIB A CB1 
45  C CB2 . AIB A 4  ? 0.0685 0.0636 0.0628 -0.0205 -0.0060 -0.0084 3   AIB A CB2 
53  N N   . AIB A 5  ? 0.0557 0.0567 0.0479 -0.0246 -0.0114 0.0140  4   AIB A N   
54  C CA  . AIB A 5  ? 0.0693 0.0697 0.0548 -0.0346 -0.0273 0.0188  4   AIB A CA  
55  C C   . AIB A 5  ? 0.0692 0.0526 0.0489 -0.0259 -0.0167 0.0069  4   AIB A C   
56  O O   . AIB A 5  ? 0.0997 0.0520 0.0616 -0.0362 -0.0252 0.0059  4   AIB A O   
57  C CB1 . AIB A 5  ? 0.0537 0.0831 0.0795 -0.0161 -0.0073 0.0248  4   AIB A CB1 
58  C CB2 . AIB A 5  ? 0.0889 0.0956 0.0622 -0.0543 -0.0335 0.0202  4   AIB A CB2 
66  N N   . VAL A 6  ? 0.0833 0.0372 0.0524 -0.0198 -0.0235 0.0136  5   VAL A N   
67  C CA  . VAL A 6  ? 0.0923 0.0423 0.0461 -0.0146 -0.0193 0.0026  5   VAL A CA  
68  C C   . VAL A 6  ? 0.0882 0.0473 0.0463 -0.0234 -0.0299 0.0087  5   VAL A C   
69  O O   . VAL A 6  ? 0.0919 0.0363 0.0605 -0.0112 -0.0245 0.0101  5   VAL A O   
70  C CB  A VAL A 6  ? 0.1234 0.0753 0.0546 -0.0449 -0.0331 0.0122  5   VAL A CB  
71  C CB  B VAL A 6  ? 0.0428 0.0545 0.0185 0.0169  0.0096  -0.0197 5   VAL A CB  
72  C CG1 A VAL A 6  ? 0.1263 0.0553 0.0488 -0.0463 -0.0395 0.0154  5   VAL A CG1 
73  C CG1 B VAL A 6  ? 0.0747 0.1059 0.0569 -0.0401 -0.0028 -0.0047 5   VAL A CG1 
74  C CG2 A VAL A 6  ? 0.1624 0.0806 0.0609 -0.0336 -0.0407 0.0003  5   VAL A CG2 
75  C CG2 B VAL A 6  ? 0.0637 0.0843 0.0699 -0.0172 0.0036  0.0154  5   VAL A CG2 
92  N N   . GLY A 7  ? 0.0815 0.0461 0.0481 -0.0117 -0.0203 0.0026  6   GLY A N   
93  C CA  . GLY A 7  ? 0.0744 0.0606 0.0595 -0.0276 -0.0240 0.0071  6   GLY A CA  
94  C C   . GLY A 7  ? 0.0575 0.0500 0.0465 -0.0221 -0.0163 0.0171  6   GLY A C   
95  O O   . GLY A 7  ? 0.0627 0.0483 0.0580 -0.0103 -0.0213 0.0120  6   GLY A O   
99  N N   . LEU A 8  ? 0.0509 0.0443 0.0427 -0.0110 -0.0158 0.0041  7   LEU A N   
100 C CA  . LEU A 8  ? 0.0579 0.0460 0.0375 -0.0081 -0.0121 0.0030  7   LEU A CA  
101 C C   . LEU A 8  ? 0.0415 0.0468 0.0447 -0.0089 -0.0166 0.0049  7   LEU A C   
102 O O   . LEU A 8  ? 0.0625 0.0418 0.0532 -0.0071 -0.0116 -0.0002 7   LEU A O   
103 C CB  . LEU A 8  ? 0.0686 0.0493 0.0512 -0.0077 -0.0283 0.0031  7   LEU A CB  
104 C CG  . LEU A 8  ? 0.0715 0.0572 0.0392 -0.0046 -0.0156 0.0039  7   LEU A CG  
105 C CD1 . LEU A 8  ? 0.1188 0.0733 0.1019 -0.0358 -0.0739 0.0426  7   LEU A CD1 
106 C CD2 . LEU A 8  ? 0.0956 0.0902 0.0553 0.0019  0.0049  0.0124  7   LEU A CD2 
118 N N   . AIB A 9  ? 0.0532 0.0398 0.0432 -0.0103 -0.0120 0.0018  8   AIB A N   
119 C CA  . AIB A 9  ? 0.0451 0.0404 0.0475 -0.0133 -0.0129 0.0100  8   AIB A CA  
120 C C   . AIB A 9  ? 0.0506 0.0402 0.0350 -0.0121 -0.0034 0.0015  8   AIB A C   
121 O O   . AIB A 9  ? 0.0532 0.0368 0.0478 -0.0150 -0.0070 0.0052  8   AIB A O   
122 C CB1 . AIB A 9  ? 0.0484 0.0493 0.0518 -0.0183 -0.0043 0.0019  8   AIB A CB1 
123 C CB2 . AIB A 9  ? 0.0448 0.0505 0.0589 -0.0120 -0.0193 0.0034  8   AIB A CB2 
131 N N   . AIB A 10 ? 0.0429 0.0397 0.0358 -0.0190 -0.0109 0.0044  9   AIB A N   
132 C CA  . AIB A 10 ? 0.0494 0.0405 0.0344 -0.0139 -0.0152 0.0093  9   AIB A CA  
133 C C   . AIB A 10 ? 0.0448 0.0405 0.0370 -0.0187 -0.0149 0.0091  9   AIB A C   
134 O O   . AIB A 10 ? 0.0538 0.0442 0.0300 -0.0131 -0.0136 0.0108  9   AIB A O   
135 C CB1 . AIB A 10 ? 0.0506 0.0398 0.0415 -0.0142 -0.0152 0.0055  9   AIB A CB1 
136 C CB2 . AIB A 10 ? 0.0555 0.0487 0.0397 -0.0137 -0.0056 0.0035  9   AIB A CB2 
144 N N   . HYP A 11 ? 0.0419 0.0403 0.0296 -0.0142 -0.0082 0.0084  10  HYP A N   
145 C CA  . HYP A 11 ? 0.0409 0.0389 0.0390 -0.0129 -0.0115 0.0083  10  HYP A CA  
146 C C   . HYP A 11 ? 0.0470 0.0441 0.0361 -0.0166 -0.0131 0.0068  10  HYP A C   
147 O O   . HYP A 11 ? 0.0545 0.0399 0.0626 -0.0115 -0.0101 0.0057  10  HYP A O   
148 C CB  . HYP A 11 ? 0.0500 0.0436 0.0396 -0.0176 -0.0068 -0.0020 10  HYP A CB  
149 C CG  . HYP A 11 ? 0.0448 0.0452 0.0335 -0.0098 -0.0118 0.0057  10  HYP A CG  
150 C CD  . HYP A 11 ? 0.0455 0.0489 0.0305 -0.0129 -0.0108 0.0086  10  HYP A CD  
151 O OD1 . HYP A 11 ? 0.0442 0.0406 0.0441 -0.0149 -0.0096 0.0008  10  HYP A OD1 
159 N N   . GLN A 12 ? 0.0517 0.0343 0.0320 -0.0132 -0.0082 0.0019  11  GLN A N   
160 C CA  . GLN A 12 ? 0.0482 0.0401 0.0330 -0.0161 -0.0079 0.0028  11  GLN A CA  
161 C C   . GLN A 12 ? 0.0562 0.0350 0.0343 -0.0112 -0.0102 0.0070  11  GLN A C   
162 O O   . GLN A 12 ? 0.0569 0.0407 0.0376 -0.0225 -0.0122 0.0089  11  GLN A O   
163 C CB  . GLN A 12 ? 0.0478 0.0525 0.0352 -0.0180 -0.0135 0.0082  11  GLN A CB  
164 C CG  . GLN A 12 ? 0.0559 0.0515 0.0317 -0.0227 -0.0204 0.0110  11  GLN A CG  
165 C CD  . GLN A 12 ? 0.0717 0.0506 0.0254 -0.0226 -0.0078 0.0005  11  GLN A CD  
166 O OE1 . GLN A 12 ? 0.1023 0.0439 0.0387 -0.0213 -0.0031 0.0026  11  GLN A OE1 
167 N NE2 . GLN A 12 ? 0.0704 0.0516 0.0406 -0.0148 -0.0079 0.0000  11  GLN A NE2 
176 N N   . DIV A 13 ? 0.0576 0.0350 0.0347 -0.0179 -0.0081 0.0048  12  DIV A N   
177 C CA  . DIV A 13 ? 0.0557 0.0402 0.0292 -0.0145 -0.0075 0.0005  12  DIV A CA  
178 C CB1 . DIV A 13 ? 0.0517 0.0450 0.0481 -0.0139 -0.0030 -0.0004 12  DIV A CB1 
179 C CG1 . DIV A 13 ? 0.0691 0.0554 0.0593 -0.0148 -0.0161 0.0118  12  DIV A CG1 
180 C CB2 . DIV A 13 ? 0.0601 0.0454 0.0365 -0.0215 -0.0069 0.0013  12  DIV A CB2 
181 C C   . DIV A 13 ? 0.0489 0.0476 0.0286 -0.0176 -0.0064 -0.0011 12  DIV A C   
182 O O   . DIV A 13 ? 0.0588 0.0439 0.0349 -0.0190 -0.0017 0.0020  12  DIV A O   
192 N N   . HYP A 14 ? 0.0505 0.0468 0.0362 -0.0191 -0.0068 0.0045  13  HYP A N   
193 C CA  . HYP A 14 ? 0.0506 0.0491 0.0416 -0.0174 -0.0092 0.0065  13  HYP A CA  
194 C C   . HYP A 14 ? 0.0458 0.0392 0.0441 -0.0042 -0.0030 0.0056  13  HYP A C   
195 O O   . HYP A 14 ? 0.0553 0.0398 0.0522 -0.0075 -0.0096 0.0151  13  HYP A O   
196 C CB  . HYP A 14 ? 0.0607 0.0467 0.0709 -0.0185 -0.0089 0.0182  13  HYP A CB  
197 C CG  . HYP A 14 ? 0.0567 0.0495 0.0606 -0.0143 -0.0117 0.0122  13  HYP A CG  
198 C CD  . HYP A 14 ? 0.0531 0.0473 0.0404 -0.0130 -0.0067 0.0114  13  HYP A CD  
199 O OD1 . HYP A 14 ? 0.0714 0.0653 0.0561 -0.0290 -0.0221 0.0177  13  HYP A OD1 
207 N N   . AIB A 15 ? 0.0504 0.0384 0.0392 -0.0148 -0.0103 0.0072  14  AIB A N   
208 C CA  . AIB A 15 ? 0.0567 0.0374 0.0433 -0.0132 -0.0116 0.0044  14  AIB A CA  
209 C C   . AIB A 15 ? 0.0521 0.0303 0.0375 -0.0108 -0.0115 0.0043  14  AIB A C   
210 O O   . AIB A 15 ? 0.0603 0.0369 0.0419 -0.0165 -0.0086 0.0040  14  AIB A O   
211 C CB1 . AIB A 15 ? 0.0676 0.0518 0.0407 -0.0208 -0.0122 0.0061  14  AIB A CB1 
212 C CB2 . AIB A 15 ? 0.0689 0.0407 0.0536 -0.0179 -0.0011 0.0014  14  AIB A CB2 
220 N N   . PHL A 16 ? 0.0515 0.0399 0.0363 -0.0158 -0.0081 0.0068  15  PHL A N   
221 C CA  . PHL A 16 ? 0.0541 0.0420 0.0370 -0.0159 -0.0101 0.0073  15  PHL A CA  
222 C C   . PHL A 16 ? 0.0659 0.0424 0.0423 -0.0085 -0.0048 0.0068  15  PHL A C   
223 O O   . PHL A 16 ? 0.0635 0.0659 0.0399 -0.0104 -0.0135 0.0109  15  PHL A O   
224 C CB  . PHL A 16 ? 0.0600 0.0461 0.0389 -0.0137 -0.0142 0.0085  15  PHL A CB  
225 C CG  . PHL A 16 ? 0.0529 0.0444 0.0340 -0.0170 -0.0142 0.0094  15  PHL A CG  
226 C CD1 . PHL A 16 ? 0.0565 0.0478 0.0429 -0.0127 -0.0085 0.0061  15  PHL A CD1 
227 C CD2 . PHL A 16 ? 0.0690 0.0515 0.0369 -0.0068 -0.0094 0.0050  15  PHL A CD2 
228 C CE1 . PHL A 16 ? 0.0573 0.0510 0.0505 -0.0068 -0.0048 0.0088  15  PHL A CE1 
229 C CE2 . PHL A 16 ? 0.0730 0.0558 0.0473 -0.0050 -0.0186 0.0104  15  PHL A CE2 
230 C CZ  . PHL A 16 ? 0.0538 0.0409 0.0595 -0.0101 -0.0131 0.0127  15  PHL A CZ  
243 O O   . HOH B .  ? 0.0785 0.0410 0.0557 -0.0141 -0.0225 0.0101  101 HOH A O   
244 O O   . HOH B .  ? 0.1362 0.1472 0.1429 -0.0124 -0.0067 -0.0095 102 HOH A O   
# 
